data_5BUS
#
_entry.id   5BUS
#
_cell.length_a   121.811
_cell.length_b   121.811
_cell.length_c   98.013
_cell.angle_alpha   90.00
_cell.angle_beta   90.00
_cell.angle_gamma   90.00
#
_symmetry.space_group_name_H-M   'P 43'
#
loop_
_entity.id
_entity.type
_entity.pdbx_description
1 polymer '2-succinylbenzoate--CoA ligase'
2 non-polymer 'CHLORIDE ION'
3 non-polymer 'ADENOSINE MONOPHOSPHATE'
4 water water
#
_entity_poly.entity_id   1
_entity_poly.type   'polypeptide(L)'
_entity_poly.pdbx_seq_one_letter_code
;MGMLTEQPNWLMQRAQLTPERIALIYEDQTVTFAELFAASKRMAEQLAAHSVRKGDTAAILLQNRAEMVYAVHACFLLGV
KAVLLNTKLSTHERLFQLEDSGSGFLLTDSSFEKKEYEHIVQTIDVDELMKEAAEEIEIEAYMQMDATATLMYTSGTTGK
PKGVQQTFGNHYFSAVSSALNLGITEQDRWLIALPLFHISGLSALFKSVIYGMTVVLHQRFSVSDVLHSINRHEVTMISA
VQTMLASLLEETNRCPESIRCILLGGGPAPLPLLEECREKGFPVFQSYGMTETCSQIVTLSPEFSMEKLGSAGKPLFSCE
IKIERDGQVCEPYEHGEIMVKGPNVMKSYFNRESANEASFQNGWLKTGDLGYLDNEGFLYVLDRRSDLIISGGENIYPAE
VESVLLSHPAVAEAGVSGAEDKKWGKVPHAYLVLHKPVSAGELTDYCKERLAKYKIPAKFFVLDRLPRNASNKLLRNQLK
DARKGELLHHHHHH
;
_entity_poly.pdbx_strand_id   A,B
#
loop_
_chem_comp.id
_chem_comp.type
_chem_comp.name
_chem_comp.formula
AMP non-polymer 'ADENOSINE MONOPHOSPHATE' 'C10 H14 N5 O7 P'
CL non-polymer 'CHLORIDE ION' 'Cl -1'
#
# COMPACT_ATOMS: atom_id res chain seq x y z
N THR A 5 6.18 15.09 -3.73
CA THR A 5 7.63 14.97 -3.54
C THR A 5 8.02 14.80 -2.08
N GLU A 6 7.16 15.25 -1.16
CA GLU A 6 7.42 15.10 0.29
C GLU A 6 6.18 14.89 1.19
N GLN A 7 6.37 14.18 2.29
CA GLN A 7 5.34 14.03 3.31
C GLN A 7 5.98 14.33 4.65
N PRO A 8 5.17 14.74 5.64
CA PRO A 8 5.75 14.82 6.97
C PRO A 8 6.31 13.49 7.41
N ASN A 9 7.39 13.54 8.18
CA ASN A 9 7.93 12.37 8.82
C ASN A 9 6.80 11.56 9.42
N TRP A 10 6.72 10.30 9.01
CA TRP A 10 5.63 9.42 9.44
C TRP A 10 5.51 9.34 10.97
N LEU A 11 6.66 9.23 11.63
CA LEU A 11 6.70 9.07 13.09
C LEU A 11 6.26 10.35 13.81
N MET A 12 6.83 11.48 13.40
CA MET A 12 6.43 12.77 13.92
C MET A 12 4.94 12.95 13.79
N GLN A 13 4.43 12.67 12.59
CA GLN A 13 3.01 12.88 12.33
C GLN A 13 2.17 11.87 13.09
N ARG A 14 2.62 10.62 13.14
CA ARG A 14 1.89 9.61 13.87
C ARG A 14 1.82 10.04 15.35
N ALA A 15 2.92 10.59 15.86
CA ALA A 15 2.98 11.07 17.24
C ALA A 15 2.01 12.24 17.44
N GLN A 16 2.01 13.15 16.46
CA GLN A 16 1.11 14.31 16.52
C GLN A 16 -0.34 13.91 16.52
N LEU A 17 -0.68 12.88 15.74
CA LEU A 17 -2.07 12.46 15.59
C LEU A 17 -2.56 11.57 16.73
N THR A 18 -1.90 10.44 16.95
CA THR A 18 -2.27 9.52 18.02
C THR A 18 -1.10 9.29 18.98
N PRO A 19 -0.86 10.24 19.89
CA PRO A 19 0.33 10.23 20.74
C PRO A 19 0.39 9.03 21.68
N GLU A 20 -0.78 8.51 22.08
CA GLU A 20 -0.81 7.50 23.12
C GLU A 20 -1.21 6.11 22.63
N ARG A 21 -1.26 5.89 21.32
CA ARG A 21 -1.36 4.51 20.81
C ARG A 21 -0.04 3.80 21.04
N ILE A 22 -0.11 2.50 21.28
CA ILE A 22 1.11 1.70 21.41
C ILE A 22 1.80 1.54 20.04
N ALA A 23 3.06 1.96 19.96
CA ALA A 23 3.90 1.74 18.78
C ALA A 23 4.60 0.38 18.81
N LEU A 24 5.20 0.08 19.95
CA LEU A 24 6.07 -1.07 20.12
C LEU A 24 5.76 -1.78 21.43
N ILE A 25 5.46 -3.06 21.36
CA ILE A 25 5.53 -3.88 22.56
C ILE A 25 6.75 -4.78 22.41
N TYR A 26 7.68 -4.64 23.34
CA TYR A 26 8.90 -5.43 23.30
C TYR A 26 9.24 -6.00 24.68
N GLU A 27 9.09 -7.31 24.82
CA GLU A 27 9.22 -7.99 26.09
C GLU A 27 8.29 -7.39 27.15
N ASP A 28 8.85 -6.90 28.24
CA ASP A 28 8.03 -6.21 29.22
C ASP A 28 7.47 -4.93 28.60
N GLN A 29 8.38 -4.05 28.22
CA GLN A 29 8.06 -2.68 27.86
C GLN A 29 6.94 -2.50 26.83
N THR A 30 6.21 -1.39 26.98
CA THR A 30 5.38 -0.85 25.91
C THR A 30 5.92 0.54 25.59
N VAL A 31 5.81 0.95 24.33
CA VAL A 31 6.28 2.27 23.93
C VAL A 31 5.22 2.92 23.06
N THR A 32 4.81 4.14 23.43
CA THR A 32 3.81 4.87 22.64
C THR A 32 4.50 5.59 21.49
N PHE A 33 3.69 6.07 20.54
CA PHE A 33 4.24 6.80 19.40
C PHE A 33 4.90 8.09 19.85
N ALA A 34 4.28 8.77 20.81
CA ALA A 34 4.91 9.94 21.41
C ALA A 34 6.28 9.55 22.04
N GLU A 35 6.30 8.44 22.78
CA GLU A 35 7.54 8.00 23.41
C GLU A 35 8.59 7.63 22.39
N LEU A 36 8.17 6.86 21.37
CA LEU A 36 9.02 6.46 20.26
C LEU A 36 9.59 7.67 19.49
N PHE A 37 8.77 8.68 19.25
CA PHE A 37 9.30 9.90 18.63
C PHE A 37 10.29 10.59 19.57
N ALA A 38 10.00 10.54 20.88
CA ALA A 38 10.90 11.12 21.87
C ALA A 38 12.22 10.36 21.93
N ALA A 39 12.15 9.04 22.10
CA ALA A 39 13.34 8.20 22.06
C ALA A 39 14.15 8.48 20.82
N SER A 40 13.50 8.40 19.66
CA SER A 40 14.19 8.51 18.39
C SER A 40 14.78 9.91 18.22
N LYS A 41 14.03 10.93 18.63
CA LYS A 41 14.53 12.29 18.54
C LYS A 41 15.81 12.46 19.38
N ARG A 42 15.82 11.90 20.58
CA ARG A 42 17.00 12.15 21.41
C ARG A 42 18.17 11.31 20.90
N MET A 43 17.91 10.11 20.39
CA MET A 43 18.98 9.31 19.84
C MET A 43 19.61 10.01 18.65
N ALA A 44 18.77 10.66 17.87
CA ALA A 44 19.24 11.42 16.73
C ALA A 44 20.12 12.56 17.22
N GLU A 45 19.74 13.15 18.36
CA GLU A 45 20.55 14.22 18.94
C GLU A 45 21.91 13.72 19.40
N GLN A 46 21.94 12.49 19.93
CA GLN A 46 23.19 11.91 20.39
C GLN A 46 24.09 11.56 19.20
N LEU A 47 23.53 10.93 18.17
CA LEU A 47 24.29 10.66 16.95
C LEU A 47 24.79 11.95 16.35
N ALA A 48 23.97 13.00 16.46
CA ALA A 48 24.34 14.31 15.93
C ALA A 48 25.59 14.81 16.62
N ALA A 49 25.71 14.48 17.91
CA ALA A 49 26.87 14.87 18.70
C ALA A 49 28.14 14.16 18.24
N HIS A 50 28.02 12.93 17.74
CA HIS A 50 29.21 12.18 17.33
C HIS A 50 29.63 12.45 15.89
N SER A 51 29.20 13.60 15.37
CA SER A 51 29.52 14.08 14.01
C SER A 51 28.69 13.46 12.88
N VAL A 52 27.65 12.70 13.20
CA VAL A 52 26.78 12.17 12.13
C VAL A 52 26.01 13.32 11.47
N ARG A 53 26.31 13.59 10.21
CA ARG A 53 25.76 14.74 9.50
C ARG A 53 24.71 14.35 8.44
N LYS A 54 23.69 15.19 8.30
CA LYS A 54 22.67 14.99 7.28
C LYS A 54 23.34 14.71 5.94
N GLY A 55 22.92 13.63 5.28
CA GLY A 55 23.55 13.21 4.04
C GLY A 55 24.58 12.11 4.25
N ASP A 56 24.83 11.76 5.50
CA ASP A 56 25.72 10.64 5.77
C ASP A 56 25.00 9.32 5.74
N THR A 57 25.80 8.26 5.77
CA THR A 57 25.33 6.90 5.80
C THR A 57 25.76 6.23 7.09
N ALA A 58 24.80 5.81 7.91
CA ALA A 58 25.16 5.02 9.08
C ALA A 58 24.66 3.60 8.88
N ALA A 59 25.50 2.64 9.24
CA ALA A 59 25.12 1.24 9.13
C ALA A 59 24.66 0.75 10.49
N ILE A 60 23.69 -0.15 10.49
CA ILE A 60 23.15 -0.69 11.72
C ILE A 60 23.43 -2.20 11.82
N LEU A 61 24.12 -2.59 12.87
CA LEU A 61 24.39 -4.00 13.13
C LEU A 61 23.80 -4.34 14.50
N LEU A 62 22.55 -4.77 14.51
CA LEU A 62 21.84 -5.02 15.77
C LEU A 62 20.90 -6.20 15.68
N GLN A 63 20.74 -6.89 16.79
CA GLN A 63 19.68 -7.86 16.94
C GLN A 63 18.40 -7.06 17.09
N ASN A 64 17.26 -7.72 16.92
CA ASN A 64 15.96 -7.09 17.18
C ASN A 64 15.83 -6.57 18.63
N ARG A 65 15.92 -5.25 18.79
CA ARG A 65 15.71 -4.59 20.06
C ARG A 65 14.96 -3.29 19.80
N ALA A 66 14.39 -2.72 20.85
CA ALA A 66 13.75 -1.41 20.76
C ALA A 66 14.73 -0.36 20.27
N GLU A 67 16.01 -0.54 20.57
CA GLU A 67 17.02 0.44 20.22
C GLU A 67 17.22 0.48 18.72
N MET A 68 17.09 -0.67 18.06
CA MET A 68 17.26 -0.75 16.63
C MET A 68 16.16 0.03 15.93
N VAL A 69 14.95 -0.10 16.48
CA VAL A 69 13.81 0.67 16.00
C VAL A 69 14.10 2.15 16.10
N TYR A 70 14.59 2.58 17.26
CA TYR A 70 14.92 3.99 17.47
C TYR A 70 15.99 4.46 16.48
N ALA A 71 16.99 3.62 16.24
CA ALA A 71 18.11 3.96 15.35
C ALA A 71 17.64 4.17 13.93
N VAL A 72 16.81 3.27 13.43
CA VAL A 72 16.21 3.47 12.11
C VAL A 72 15.49 4.82 12.04
N HIS A 73 14.58 5.08 12.97
CA HIS A 73 13.85 6.34 12.94
C HIS A 73 14.75 7.55 13.15
N ALA A 74 15.80 7.39 13.95
CA ALA A 74 16.71 8.51 14.25
C ALA A 74 17.43 8.94 13.00
N CYS A 75 17.93 7.95 12.25
CA CYS A 75 18.56 8.20 10.95
C CYS A 75 17.62 9.00 10.05
N PHE A 76 16.34 8.66 10.11
CA PHE A 76 15.33 9.35 9.30
C PHE A 76 15.31 10.79 9.72
N LEU A 77 15.22 11.02 11.03
CA LEU A 77 15.13 12.38 11.59
C LEU A 77 16.39 13.22 11.38
N LEU A 78 17.54 12.60 11.18
CA LEU A 78 18.78 13.32 10.88
C LEU A 78 18.99 13.46 9.39
N GLY A 79 18.25 12.67 8.62
CA GLY A 79 18.47 12.63 7.18
C GLY A 79 19.67 11.77 6.82
N VAL A 80 19.77 10.61 7.46
CA VAL A 80 20.91 9.73 7.27
C VAL A 80 20.49 8.37 6.70
N LYS A 81 21.00 8.05 5.52
CA LYS A 81 20.77 6.75 4.93
C LYS A 81 21.19 5.68 5.90
N ALA A 82 20.23 4.84 6.26
CA ALA A 82 20.45 3.70 7.13
C ALA A 82 20.77 2.40 6.36
N VAL A 83 21.90 1.78 6.66
CA VAL A 83 22.21 0.47 6.12
C VAL A 83 21.90 -0.63 7.13
N LEU A 84 21.09 -1.59 6.72
CA LEU A 84 20.74 -2.67 7.62
C LEU A 84 21.58 -3.90 7.33
N LEU A 85 22.36 -4.30 8.33
CA LEU A 85 23.33 -5.38 8.15
C LEU A 85 22.83 -6.69 8.73
N ASN A 86 22.92 -7.74 7.92
CA ASN A 86 22.64 -9.10 8.35
C ASN A 86 23.65 -9.49 9.44
N THR A 87 23.16 -9.77 10.64
CA THR A 87 24.03 -10.00 11.79
C THR A 87 24.78 -11.34 11.72
N LYS A 88 24.45 -12.14 10.71
CA LYS A 88 25.04 -13.47 10.56
C LYS A 88 26.09 -13.48 9.45
N LEU A 89 26.29 -12.34 8.81
CA LEU A 89 27.41 -12.16 7.92
C LEU A 89 28.73 -12.41 8.67
N SER A 90 29.67 -13.04 7.99
CA SER A 90 31.04 -13.13 8.46
C SER A 90 31.65 -11.75 8.62
N THR A 91 32.72 -11.64 9.40
CA THR A 91 33.47 -10.37 9.49
C THR A 91 33.83 -9.81 8.11
N HIS A 92 34.30 -10.70 7.23
CA HIS A 92 34.71 -10.30 5.90
C HIS A 92 33.50 -9.75 5.15
N GLU A 93 32.37 -10.45 5.26
CA GLU A 93 31.15 -10.06 4.54
C GLU A 93 30.61 -8.72 5.03
N ARG A 94 30.73 -8.49 6.32
CA ARG A 94 30.30 -7.21 6.89
C ARG A 94 31.20 -6.09 6.37
N LEU A 95 32.49 -6.36 6.31
CA LEU A 95 33.45 -5.34 5.90
C LEU A 95 33.14 -4.91 4.46
N PHE A 96 32.92 -5.88 3.58
CA PHE A 96 32.57 -5.54 2.20
C PHE A 96 31.36 -4.61 2.12
N GLN A 97 30.31 -4.92 2.88
CA GLN A 97 29.09 -4.10 2.78
C GLN A 97 29.31 -2.71 3.40
N LEU A 98 30.11 -2.65 4.46
CA LEU A 98 30.49 -1.35 5.05
C LEU A 98 31.21 -0.46 4.04
N GLU A 99 32.15 -1.05 3.30
CA GLU A 99 32.90 -0.32 2.30
C GLU A 99 32.01 0.05 1.13
N ASP A 100 31.37 -0.95 0.51
CA ASP A 100 30.50 -0.77 -0.66
C ASP A 100 29.41 0.29 -0.47
N SER A 101 28.83 0.33 0.73
CA SER A 101 27.73 1.24 1.02
C SER A 101 28.19 2.67 1.25
N GLY A 102 29.47 2.85 1.55
CA GLY A 102 29.99 4.15 1.87
C GLY A 102 29.51 4.62 3.24
N SER A 103 29.24 3.68 4.14
CA SER A 103 28.90 4.05 5.51
C SER A 103 30.06 4.81 6.17
N GLY A 104 29.74 5.87 6.91
CA GLY A 104 30.72 6.52 7.74
C GLY A 104 30.65 6.01 9.17
N PHE A 105 29.53 5.38 9.50
CA PHE A 105 29.30 4.93 10.87
C PHE A 105 28.76 3.51 10.92
N LEU A 106 29.06 2.84 12.02
CA LEU A 106 28.42 1.58 12.37
C LEU A 106 27.79 1.74 13.75
N LEU A 107 26.46 1.71 13.81
CA LEU A 107 25.77 1.68 15.09
C LEU A 107 25.53 0.23 15.48
N THR A 108 26.29 -0.24 16.47
CA THR A 108 26.15 -1.61 16.95
C THR A 108 26.10 -1.56 18.48
N ASP A 109 26.21 -2.72 19.14
CA ASP A 109 26.24 -2.77 20.59
C ASP A 109 27.34 -3.71 21.08
N SER A 110 27.41 -3.91 22.40
CA SER A 110 28.53 -4.67 22.98
C SER A 110 28.46 -6.15 22.59
N SER A 111 27.31 -6.59 22.08
CA SER A 111 27.16 -8.00 21.69
C SER A 111 27.94 -8.37 20.41
N PHE A 112 28.44 -7.37 19.70
CA PHE A 112 29.25 -7.62 18.51
C PHE A 112 30.66 -7.10 18.77
N GLU A 113 31.59 -7.47 17.91
CA GLU A 113 32.98 -7.07 18.08
C GLU A 113 33.26 -5.77 17.36
N LYS A 114 32.70 -4.68 17.87
CA LYS A 114 32.92 -3.31 17.39
C LYS A 114 34.30 -3.06 16.79
N LYS A 115 35.34 -3.28 17.59
CA LYS A 115 36.72 -2.91 17.23
C LYS A 115 37.18 -3.54 15.93
N GLU A 116 36.50 -4.61 15.49
CA GLU A 116 36.79 -5.26 14.23
C GLU A 116 36.60 -4.37 13.00
N TYR A 117 35.83 -3.28 13.14
CA TYR A 117 35.49 -2.45 11.99
C TYR A 117 35.96 -1.01 12.17
N GLU A 118 36.58 -0.73 13.33
CA GLU A 118 36.98 0.64 13.70
C GLU A 118 37.90 1.26 12.66
N HIS A 119 38.60 0.41 11.91
CA HIS A 119 39.55 0.84 10.90
C HIS A 119 38.93 1.45 9.62
N ILE A 120 37.61 1.35 9.46
CA ILE A 120 36.95 1.84 8.24
C ILE A 120 35.76 2.77 8.51
N VAL A 121 35.06 2.58 9.62
CA VAL A 121 33.96 3.47 10.01
C VAL A 121 34.01 3.83 11.50
N GLN A 122 33.36 4.93 11.87
CA GLN A 122 33.30 5.32 13.26
C GLN A 122 32.28 4.45 13.96
N THR A 123 32.75 3.50 14.75
CA THR A 123 31.86 2.62 15.52
C THR A 123 31.18 3.40 16.64
N ILE A 124 29.97 2.98 17.01
CA ILE A 124 29.18 3.63 18.05
C ILE A 124 28.35 2.56 18.75
N ASP A 125 28.23 2.65 20.07
CA ASP A 125 27.51 1.64 20.86
C ASP A 125 26.12 2.14 21.29
N VAL A 126 25.05 1.49 20.82
CA VAL A 126 23.68 1.99 21.00
C VAL A 126 23.42 2.34 22.47
N ASP A 127 23.94 1.53 23.37
CA ASP A 127 23.69 1.77 24.79
C ASP A 127 24.63 2.80 25.41
N GLU A 128 25.90 2.79 25.02
CA GLU A 128 26.82 3.80 25.51
C GLU A 128 26.38 5.17 24.97
N LEU A 129 25.87 5.16 23.73
CA LEU A 129 25.39 6.37 23.08
C LEU A 129 24.22 6.99 23.83
N MET A 130 23.30 6.16 24.30
CA MET A 130 22.05 6.66 24.86
C MET A 130 22.23 7.39 26.18
N LYS A 131 23.26 7.00 26.95
CA LYS A 131 23.50 7.63 28.24
C LYS A 131 23.86 9.11 28.09
N GLU A 132 24.53 9.44 26.99
CA GLU A 132 25.11 10.77 26.80
C GLU A 132 24.12 11.93 26.72
N ALA A 133 24.68 13.13 26.64
CA ALA A 133 23.91 14.34 26.51
C ALA A 133 24.43 15.11 25.31
N ALA A 134 23.57 15.90 24.69
CA ALA A 134 23.95 16.62 23.48
C ALA A 134 23.06 17.81 23.27
N GLU A 135 23.51 18.74 22.44
CA GLU A 135 22.62 19.84 22.06
C GLU A 135 21.42 19.25 21.33
N GLU A 136 20.22 19.62 21.77
CA GLU A 136 19.01 19.27 21.06
C GLU A 136 19.06 19.87 19.66
N ILE A 137 18.40 19.21 18.70
CA ILE A 137 18.45 19.65 17.30
C ILE A 137 17.06 19.90 16.73
N GLU A 138 16.99 20.51 15.55
CA GLU A 138 15.73 20.63 14.84
C GLU A 138 15.67 19.54 13.75
N ILE A 139 14.85 18.52 13.98
CA ILE A 139 14.78 17.36 13.09
C ILE A 139 14.20 17.66 11.71
N GLU A 140 14.54 16.79 10.75
CA GLU A 140 13.90 16.78 9.43
C GLU A 140 12.42 16.46 9.57
N ALA A 141 11.56 17.45 9.39
CA ALA A 141 10.14 17.24 9.60
C ALA A 141 9.50 16.55 8.39
N TYR A 142 10.18 16.64 7.25
CA TYR A 142 9.69 16.08 5.98
C TYR A 142 10.55 14.94 5.45
N MET A 143 9.87 13.89 5.01
CA MET A 143 10.49 12.87 4.19
C MET A 143 10.37 13.24 2.72
N GLN A 144 11.49 13.22 2.01
CA GLN A 144 11.47 13.30 0.55
C GLN A 144 11.15 11.93 -0.07
N MET A 145 10.04 11.87 -0.79
CA MET A 145 9.56 10.59 -1.33
C MET A 145 10.54 9.86 -2.23
N ASP A 146 11.42 10.59 -2.90
CA ASP A 146 12.38 9.99 -3.82
C ASP A 146 13.77 9.82 -3.23
N ALA A 147 13.91 10.10 -1.95
CA ALA A 147 15.21 9.97 -1.32
C ALA A 147 15.37 8.54 -0.84
N THR A 148 16.61 8.05 -0.88
CA THR A 148 16.95 6.76 -0.33
C THR A 148 16.86 6.79 1.19
N ALA A 149 15.99 5.96 1.74
CA ALA A 149 15.79 5.92 3.17
C ALA A 149 16.71 4.87 3.79
N THR A 150 16.68 3.69 3.20
CA THR A 150 17.44 2.56 3.70
C THR A 150 18.11 1.87 2.53
N LEU A 151 19.25 1.29 2.82
CA LEU A 151 19.94 0.48 1.87
C LEU A 151 19.94 -0.92 2.45
N MET A 152 19.60 -1.90 1.63
CA MET A 152 19.54 -3.30 2.06
C MET A 152 20.24 -4.21 1.03
N TYR A 153 21.10 -5.12 1.48
CA TYR A 153 21.84 -5.92 0.51
C TYR A 153 21.11 -7.21 0.14
N THR A 154 21.23 -7.60 -1.14
CA THR A 154 20.64 -8.83 -1.59
C THR A 154 21.50 -9.96 -1.05
N SER A 155 20.97 -11.17 -1.05
CA SER A 155 21.74 -12.33 -0.59
C SER A 155 21.54 -13.48 -1.57
N GLY A 156 21.58 -13.18 -2.86
CA GLY A 156 21.55 -14.23 -3.85
C GLY A 156 22.81 -15.06 -3.74
N THR A 157 22.75 -16.26 -4.24
CA THR A 157 23.87 -17.16 -4.16
C THR A 157 24.79 -17.04 -5.36
N THR A 158 24.46 -16.11 -6.25
CA THR A 158 25.30 -15.82 -7.38
C THR A 158 25.79 -14.39 -7.29
N GLY A 159 27.09 -14.22 -7.32
CA GLY A 159 27.68 -12.90 -7.36
C GLY A 159 27.84 -12.20 -6.04
N LYS A 160 28.41 -11.02 -6.08
CA LYS A 160 28.58 -10.19 -4.89
C LYS A 160 27.29 -9.43 -4.64
N PRO A 161 26.85 -9.39 -3.37
CA PRO A 161 25.56 -8.79 -3.01
C PRO A 161 25.42 -7.34 -3.49
N LYS A 162 24.20 -6.94 -3.87
CA LYS A 162 23.93 -5.58 -4.35
C LYS A 162 23.12 -4.80 -3.32
N GLY A 163 23.47 -3.53 -3.13
CA GLY A 163 22.71 -2.67 -2.24
C GLY A 163 21.45 -2.17 -2.93
N VAL A 164 20.30 -2.58 -2.40
CA VAL A 164 19.01 -2.09 -2.87
C VAL A 164 18.71 -0.76 -2.18
N GLN A 165 18.46 0.26 -2.99
CA GLN A 165 18.13 1.56 -2.46
C GLN A 165 16.63 1.66 -2.39
N GLN A 166 16.14 1.78 -1.17
CA GLN A 166 14.72 1.84 -0.94
C GLN A 166 14.35 3.24 -0.50
N THR A 167 13.53 3.90 -1.31
CA THR A 167 13.04 5.25 -1.01
C THR A 167 11.94 5.29 0.05
N PHE A 168 11.71 6.47 0.59
CA PHE A 168 10.59 6.67 1.48
C PHE A 168 9.27 6.41 0.75
N GLY A 169 9.24 6.75 -0.53
CA GLY A 169 8.08 6.48 -1.36
C GLY A 169 7.85 5.00 -1.56
N ASN A 170 8.92 4.25 -1.85
CA ASN A 170 8.87 2.76 -1.86
C ASN A 170 8.16 2.23 -0.61
N HIS A 171 8.68 2.56 0.56
CA HIS A 171 8.15 2.07 1.83
C HIS A 171 6.70 2.49 2.04
N TYR A 172 6.40 3.75 1.75
CA TYR A 172 5.02 4.23 1.91
C TYR A 172 4.07 3.42 1.02
N PHE A 173 4.46 3.23 -0.23
CA PHE A 173 3.59 2.56 -1.16
C PHE A 173 3.43 1.07 -0.86
N SER A 174 4.52 0.44 -0.44
CA SER A 174 4.47 -0.90 0.14
C SER A 174 3.42 -1.01 1.24
N ALA A 175 3.50 -0.12 2.23
CA ALA A 175 2.56 -0.14 3.37
C ALA A 175 1.12 0.06 2.89
N VAL A 176 0.91 1.04 2.03
CA VAL A 176 -0.43 1.40 1.57
C VAL A 176 -1.01 0.29 0.72
N SER A 177 -0.21 -0.19 -0.21
CA SER A 177 -0.66 -1.17 -1.17
C SER A 177 -1.03 -2.47 -0.40
N SER A 178 -0.32 -2.75 0.67
CA SER A 178 -0.57 -3.94 1.48
C SER A 178 -1.87 -3.79 2.24
N ALA A 179 -2.12 -2.58 2.75
CA ALA A 179 -3.36 -2.33 3.50
C ALA A 179 -4.59 -2.48 2.62
N LEU A 180 -4.44 -2.18 1.32
CA LEU A 180 -5.56 -2.34 0.40
C LEU A 180 -5.76 -3.82 0.07
N ASN A 181 -4.72 -4.62 0.28
CA ASN A 181 -4.81 -6.06 0.06
C ASN A 181 -5.43 -6.70 1.30
N LEU A 182 -5.03 -6.26 2.48
CA LEU A 182 -5.40 -6.98 3.72
C LEU A 182 -6.45 -6.25 4.57
N GLY A 183 -6.70 -4.98 4.28
CA GLY A 183 -7.54 -4.16 5.14
C GLY A 183 -6.76 -3.75 6.38
N ILE A 184 -7.22 -2.70 7.06
CA ILE A 184 -6.61 -2.27 8.32
C ILE A 184 -7.69 -1.81 9.32
N THR A 185 -7.59 -2.31 10.56
CA THR A 185 -8.47 -1.93 11.67
C THR A 185 -7.66 -1.14 12.69
N GLU A 186 -8.32 -0.46 13.62
CA GLU A 186 -7.63 0.15 14.77
C GLU A 186 -7.24 -0.93 15.79
N GLN A 187 -7.87 -2.10 15.68
CA GLN A 187 -7.61 -3.21 16.59
C GLN A 187 -6.42 -4.07 16.12
N ASP A 188 -5.87 -3.74 14.96
CA ASP A 188 -4.82 -4.54 14.40
C ASP A 188 -3.49 -4.37 15.14
N ARG A 189 -2.84 -5.51 15.39
CA ARG A 189 -1.49 -5.56 15.96
C ARG A 189 -0.69 -6.61 15.21
N TRP A 190 0.58 -6.31 14.97
CA TRP A 190 1.41 -7.12 14.08
C TRP A 190 2.62 -7.68 14.82
N LEU A 191 2.75 -9.01 14.86
CA LEU A 191 3.91 -9.63 15.52
C LEU A 191 5.07 -9.83 14.55
N ILE A 192 6.23 -9.30 14.91
CA ILE A 192 7.42 -9.50 14.10
C ILE A 192 8.46 -10.29 14.89
N ALA A 193 8.71 -11.53 14.45
CA ALA A 193 9.71 -12.40 15.06
C ALA A 193 10.74 -12.82 14.03
N LEU A 194 10.88 -12.00 12.99
CA LEU A 194 11.89 -12.21 11.97
C LEU A 194 12.84 -11.03 12.11
N PRO A 195 14.05 -11.12 11.53
CA PRO A 195 14.95 -9.97 11.76
C PRO A 195 14.52 -8.68 11.07
N LEU A 196 14.75 -7.57 11.76
CA LEU A 196 14.42 -6.25 11.26
C LEU A 196 15.40 -5.77 10.21
N PHE A 197 16.49 -6.51 10.00
CA PHE A 197 17.40 -6.16 8.91
C PHE A 197 16.99 -6.85 7.58
N HIS A 198 15.98 -7.72 7.64
CA HIS A 198 15.35 -8.21 6.42
CA HIS A 198 15.32 -8.25 6.44
C HIS A 198 14.09 -7.38 6.20
N ILE A 199 13.67 -7.27 4.94
CA ILE A 199 12.59 -6.35 4.56
C ILE A 199 11.24 -6.79 5.12
N SER A 200 11.05 -8.08 5.38
CA SER A 200 9.81 -8.54 6.03
C SER A 200 9.66 -7.92 7.40
N GLY A 201 10.78 -7.74 8.09
CA GLY A 201 10.74 -7.17 9.43
C GLY A 201 10.76 -5.66 9.41
N LEU A 202 11.68 -5.10 8.63
CA LEU A 202 11.80 -3.66 8.57
C LEU A 202 10.48 -2.97 8.12
N SER A 203 9.84 -3.49 7.07
CA SER A 203 8.62 -2.86 6.50
C SER A 203 7.49 -2.75 7.51
N ALA A 204 7.50 -3.62 8.52
CA ALA A 204 6.50 -3.57 9.58
C ALA A 204 6.65 -2.29 10.42
N LEU A 205 7.89 -1.85 10.62
CA LEU A 205 8.11 -0.61 11.35
C LEU A 205 7.51 0.60 10.62
N PHE A 206 7.42 0.51 9.29
CA PHE A 206 6.85 1.62 8.52
C PHE A 206 5.34 1.48 8.44
N LYS A 207 4.85 0.23 8.35
CA LYS A 207 3.41 -0.04 8.46
C LYS A 207 2.88 0.54 9.76
N SER A 208 3.63 0.32 10.83
CA SER A 208 3.30 0.82 12.17
C SER A 208 3.02 2.32 12.25
N VAL A 209 3.98 3.16 11.86
CA VAL A 209 3.80 4.60 12.04
C VAL A 209 2.76 5.12 11.06
N ILE A 210 2.69 4.52 9.87
CA ILE A 210 1.75 5.00 8.85
C ILE A 210 0.32 4.59 9.20
N TYR A 211 0.13 3.33 9.63
CA TYR A 211 -1.21 2.91 10.04
C TYR A 211 -1.57 3.39 11.44
N GLY A 212 -0.57 3.65 12.27
CA GLY A 212 -0.81 3.87 13.69
C GLY A 212 -1.10 2.53 14.35
N MET A 213 -0.29 1.53 14.02
CA MET A 213 -0.55 0.15 14.41
C MET A 213 0.57 -0.38 15.31
N THR A 214 0.20 -1.16 16.32
CA THR A 214 1.22 -1.67 17.24
C THR A 214 1.97 -2.83 16.62
N VAL A 215 3.29 -2.78 16.71
CA VAL A 215 4.12 -3.91 16.37
C VAL A 215 4.61 -4.57 17.66
N VAL A 216 4.29 -5.86 17.79
CA VAL A 216 4.81 -6.67 18.87
C VAL A 216 6.09 -7.33 18.41
N LEU A 217 7.20 -6.98 19.05
CA LEU A 217 8.52 -7.33 18.54
C LEU A 217 9.24 -8.41 19.35
N HIS A 218 9.63 -9.49 18.67
CA HIS A 218 10.40 -10.57 19.28
C HIS A 218 11.81 -10.62 18.69
N GLN A 219 12.81 -10.76 19.55
CA GLN A 219 14.18 -10.85 19.11
C GLN A 219 14.44 -12.09 18.25
N ARG A 220 13.80 -13.20 18.59
CA ARG A 220 13.95 -14.42 17.79
C ARG A 220 12.61 -15.11 17.73
N PHE A 221 12.52 -16.17 16.94
CA PHE A 221 11.29 -16.95 16.94
C PHE A 221 11.41 -18.17 17.87
N SER A 222 10.51 -18.23 18.84
CA SER A 222 10.32 -19.39 19.72
C SER A 222 8.82 -19.60 19.88
N VAL A 223 8.32 -20.73 19.39
CA VAL A 223 6.88 -20.94 19.19
C VAL A 223 6.04 -20.66 20.42
N SER A 224 6.57 -20.93 21.60
CA SER A 224 5.79 -20.76 22.80
C SER A 224 5.76 -19.31 23.20
N ASP A 225 6.90 -18.63 23.14
CA ASP A 225 6.93 -17.19 23.40
C ASP A 225 5.95 -16.45 22.49
N VAL A 226 5.89 -16.85 21.23
CA VAL A 226 5.04 -16.19 20.27
C VAL A 226 3.55 -16.45 20.58
N LEU A 227 3.22 -17.70 20.85
CA LEU A 227 1.84 -18.08 21.15
C LEU A 227 1.35 -17.36 22.40
N HIS A 228 2.17 -17.33 23.44
CA HIS A 228 1.86 -16.56 24.63
C HIS A 228 1.65 -15.10 24.24
N SER A 229 2.65 -14.53 23.56
CA SER A 229 2.63 -13.13 23.17
C SER A 229 1.38 -12.83 22.34
N ILE A 230 1.07 -13.71 21.39
CA ILE A 230 -0.15 -13.58 20.60
C ILE A 230 -1.38 -13.42 21.49
N ASN A 231 -1.45 -14.20 22.55
CA ASN A 231 -2.62 -14.14 23.40
C ASN A 231 -2.55 -12.99 24.41
N ARG A 232 -1.39 -12.77 25.01
CA ARG A 232 -1.22 -11.66 25.93
C ARG A 232 -1.58 -10.32 25.29
N HIS A 233 -1.33 -10.17 23.98
CA HIS A 233 -1.45 -8.85 23.35
C HIS A 233 -2.46 -8.76 22.22
N GLU A 234 -3.19 -9.85 21.98
CA GLU A 234 -4.26 -9.83 20.98
C GLU A 234 -3.70 -9.48 19.60
N VAL A 235 -2.77 -10.30 19.13
CA VAL A 235 -2.12 -10.11 17.86
C VAL A 235 -3.06 -10.55 16.73
N THR A 236 -3.24 -9.68 15.73
CA THR A 236 -4.15 -10.00 14.63
C THR A 236 -3.39 -10.42 13.38
N MET A 237 -2.12 -10.01 13.28
CA MET A 237 -1.29 -10.22 12.09
C MET A 237 0.08 -10.76 12.44
N ILE A 238 0.54 -11.78 11.74
CA ILE A 238 1.90 -12.25 11.95
C ILE A 238 2.64 -12.55 10.62
N SER A 239 3.94 -12.29 10.63
CA SER A 239 4.78 -12.60 9.47
C SER A 239 5.63 -13.84 9.76
N ALA A 240 5.74 -14.73 8.78
CA ALA A 240 6.33 -16.02 9.02
C ALA A 240 7.04 -16.55 7.81
N VAL A 241 7.99 -17.45 8.01
CA VAL A 241 8.49 -18.27 6.92
C VAL A 241 7.94 -19.66 7.15
N GLN A 242 8.12 -20.55 6.18
CA GLN A 242 7.51 -21.87 6.23
C GLN A 242 7.81 -22.64 7.54
N THR A 243 9.04 -22.58 8.04
CA THR A 243 9.36 -23.33 9.25
C THR A 243 8.66 -22.78 10.50
N MET A 244 8.50 -21.46 10.60
CA MET A 244 7.77 -20.91 11.74
C MET A 244 6.32 -21.37 11.70
N LEU A 245 5.80 -21.48 10.48
CA LEU A 245 4.42 -21.89 10.30
C LEU A 245 4.25 -23.37 10.65
N ALA A 246 5.15 -24.22 10.15
CA ALA A 246 5.12 -25.65 10.46
C ALA A 246 5.09 -25.86 11.98
N SER A 247 5.90 -25.09 12.71
CA SER A 247 5.96 -25.20 14.15
C SER A 247 4.67 -24.75 14.86
N LEU A 248 4.05 -23.69 14.37
CA LEU A 248 2.79 -23.22 14.95
C LEU A 248 1.71 -24.29 14.84
N LEU A 249 1.70 -24.99 13.72
CA LEU A 249 0.73 -26.06 13.47
C LEU A 249 0.89 -27.26 14.41
N GLU A 250 2.13 -27.64 14.69
CA GLU A 250 2.36 -28.82 15.52
C GLU A 250 2.13 -28.46 16.99
N GLU A 251 2.17 -27.18 17.32
CA GLU A 251 1.98 -26.76 18.71
C GLU A 251 0.56 -26.29 19.03
N THR A 252 -0.36 -26.43 18.08
CA THR A 252 -1.75 -26.01 18.29
C THR A 252 -2.76 -27.01 17.73
N ASN A 253 -3.98 -26.98 18.26
CA ASN A 253 -5.08 -27.74 17.68
C ASN A 253 -5.78 -26.86 16.65
N ARG A 254 -6.20 -25.69 17.10
CA ARG A 254 -6.75 -24.68 16.21
C ARG A 254 -5.90 -23.40 16.24
N CYS A 255 -6.13 -22.51 15.29
CA CYS A 255 -5.40 -21.25 15.22
C CYS A 255 -5.91 -20.23 16.24
N PRO A 256 -5.00 -19.57 16.96
CA PRO A 256 -5.31 -18.51 17.92
C PRO A 256 -6.29 -17.52 17.33
N GLU A 257 -7.42 -17.30 18.00
CA GLU A 257 -8.56 -16.63 17.38
C GLU A 257 -8.32 -15.15 17.11
N SER A 258 -7.29 -14.61 17.74
CA SER A 258 -6.92 -13.24 17.53
C SER A 258 -6.38 -13.05 16.09
N ILE A 259 -5.66 -14.06 15.62
CA ILE A 259 -4.99 -14.00 14.33
C ILE A 259 -5.96 -13.90 13.16
N ARG A 260 -5.83 -12.86 12.33
CA ARG A 260 -6.66 -12.78 11.13
C ARG A 260 -5.80 -12.94 9.87
N CYS A 261 -4.50 -12.71 10.01
N CYS A 261 -4.49 -12.70 9.99
CA CYS A 261 -3.60 -12.82 8.86
CA CYS A 261 -3.60 -12.77 8.83
C CYS A 261 -2.24 -13.43 9.20
C CYS A 261 -2.24 -13.40 9.16
N ILE A 262 -1.88 -14.45 8.45
CA ILE A 262 -0.55 -15.01 8.51
C ILE A 262 0.09 -14.78 7.16
N LEU A 263 1.07 -13.89 7.12
CA LEU A 263 1.71 -13.55 5.86
C LEU A 263 2.91 -14.45 5.67
N LEU A 264 2.77 -15.40 4.77
CA LEU A 264 3.82 -16.38 4.56
C LEU A 264 4.72 -15.90 3.44
N GLY A 265 5.98 -15.63 3.76
CA GLY A 265 6.98 -15.27 2.78
C GLY A 265 8.04 -16.35 2.60
N GLY A 266 8.86 -16.18 1.55
CA GLY A 266 10.06 -16.98 1.37
C GLY A 266 10.03 -18.05 0.29
N GLY A 267 8.88 -18.68 0.09
CA GLY A 267 8.80 -19.84 -0.77
C GLY A 267 7.42 -20.45 -0.68
N PRO A 268 7.14 -21.46 -1.52
CA PRO A 268 5.82 -22.09 -1.52
C PRO A 268 5.63 -22.94 -0.27
N ALA A 269 4.39 -23.25 0.05
CA ALA A 269 4.12 -24.20 1.13
C ALA A 269 3.63 -25.50 0.51
N PRO A 270 4.23 -26.63 0.94
CA PRO A 270 3.80 -27.93 0.41
C PRO A 270 2.33 -28.21 0.70
N LEU A 271 1.69 -28.97 -0.20
CA LEU A 271 0.25 -29.18 -0.15
C LEU A 271 -0.28 -29.70 1.20
N PRO A 272 0.44 -30.63 1.86
CA PRO A 272 -0.14 -31.08 3.13
C PRO A 272 -0.21 -29.96 4.17
N LEU A 273 0.85 -29.16 4.24
CA LEU A 273 0.98 -28.08 5.22
C LEU A 273 -0.17 -27.06 5.12
N LEU A 274 -0.48 -26.61 3.90
CA LEU A 274 -1.59 -25.67 3.71
C LEU A 274 -2.91 -26.31 4.06
N GLU A 275 -3.04 -27.59 3.70
CA GLU A 275 -4.29 -28.33 3.89
C GLU A 275 -4.62 -28.45 5.39
N GLU A 276 -3.59 -28.65 6.21
CA GLU A 276 -3.80 -28.63 7.64
C GLU A 276 -4.12 -27.21 8.10
N CYS A 277 -3.43 -26.24 7.53
CA CYS A 277 -3.69 -24.84 7.87
C CYS A 277 -5.14 -24.51 7.65
N ARG A 278 -5.70 -24.99 6.55
CA ARG A 278 -7.11 -24.77 6.30
C ARG A 278 -7.94 -25.53 7.33
N GLU A 279 -7.58 -26.79 7.59
CA GLU A 279 -8.28 -27.61 8.58
C GLU A 279 -8.29 -26.95 9.96
N LYS A 280 -7.13 -26.51 10.42
CA LYS A 280 -7.01 -25.95 11.78
C LYS A 280 -7.43 -24.48 11.85
N GLY A 281 -7.90 -23.93 10.73
CA GLY A 281 -8.32 -22.54 10.67
C GLY A 281 -7.20 -21.51 10.58
N PHE A 282 -6.09 -21.89 9.96
CA PHE A 282 -4.99 -20.94 9.78
C PHE A 282 -5.15 -20.12 8.51
N PRO A 283 -5.35 -18.81 8.68
CA PRO A 283 -5.56 -17.90 7.53
C PRO A 283 -4.22 -17.51 6.89
N VAL A 284 -3.75 -18.33 5.94
CA VAL A 284 -2.43 -18.17 5.36
C VAL A 284 -2.43 -17.41 4.03
N PHE A 285 -1.83 -16.22 4.03
CA PHE A 285 -1.61 -15.50 2.80
C PHE A 285 -0.22 -15.84 2.30
N GLN A 286 -0.14 -16.57 1.19
CA GLN A 286 1.13 -16.74 0.54
C GLN A 286 1.50 -15.47 -0.24
N SER A 287 2.79 -15.26 -0.44
CA SER A 287 3.25 -14.03 -1.06
C SER A 287 4.52 -14.22 -1.84
N TYR A 288 4.77 -13.27 -2.72
CA TYR A 288 6.03 -13.21 -3.43
C TYR A 288 6.49 -11.78 -3.34
N GLY A 289 7.80 -11.59 -3.23
CA GLY A 289 8.31 -10.25 -3.11
C GLY A 289 9.76 -10.38 -2.82
N MET A 290 10.45 -9.25 -2.74
CA MET A 290 11.88 -9.30 -2.53
C MET A 290 12.37 -7.99 -1.91
N THR A 291 13.65 -8.00 -1.52
CA THR A 291 14.29 -6.79 -1.04
C THR A 291 14.08 -5.65 -2.04
N GLU A 292 14.30 -5.96 -3.31
CA GLU A 292 14.04 -5.04 -4.40
C GLU A 292 12.63 -4.45 -4.45
N THR A 293 11.66 -5.13 -3.85
CA THR A 293 10.29 -4.64 -3.94
C THR A 293 9.74 -4.17 -2.59
N CYS A 294 10.60 -4.17 -1.56
CA CYS A 294 10.32 -3.54 -0.25
C CYS A 294 9.25 -4.29 0.53
N SER A 295 9.27 -5.62 0.32
CA SER A 295 8.45 -6.68 0.92
C SER A 295 7.51 -7.22 -0.16
N GLN A 296 6.30 -7.65 0.18
CA GLN A 296 5.55 -8.41 -0.83
C GLN A 296 4.98 -7.52 -1.89
N ILE A 297 4.92 -8.06 -3.11
CA ILE A 297 4.33 -7.37 -4.23
C ILE A 297 3.19 -8.23 -4.83
N VAL A 298 3.19 -9.53 -4.53
CA VAL A 298 2.14 -10.43 -4.99
C VAL A 298 1.62 -11.26 -3.82
N THR A 299 0.30 -11.43 -3.69
CA THR A 299 -0.20 -12.27 -2.61
C THR A 299 -1.33 -13.19 -3.04
N LEU A 300 -1.50 -14.28 -2.29
CA LEU A 300 -2.60 -15.23 -2.51
C LEU A 300 -3.48 -15.33 -1.26
N SER A 301 -4.76 -15.08 -1.41
CA SER A 301 -5.66 -15.07 -0.26
C SER A 301 -5.91 -16.52 0.18
N PRO A 302 -6.21 -16.75 1.49
CA PRO A 302 -6.49 -18.09 2.04
C PRO A 302 -7.49 -18.89 1.22
N GLU A 303 -8.59 -18.25 0.84
CA GLU A 303 -9.64 -18.90 0.06
C GLU A 303 -9.16 -19.44 -1.30
N PHE A 304 -7.88 -19.27 -1.63
CA PHE A 304 -7.36 -19.81 -2.89
C PHE A 304 -6.25 -20.79 -2.61
N SER A 305 -5.94 -20.97 -1.33
CA SER A 305 -4.88 -21.86 -0.86
C SER A 305 -4.84 -23.22 -1.58
N MET A 306 -5.94 -23.96 -1.54
CA MET A 306 -5.95 -25.30 -2.10
C MET A 306 -6.22 -25.27 -3.60
N GLU A 307 -6.97 -24.29 -4.03
CA GLU A 307 -7.42 -24.17 -5.41
C GLU A 307 -6.27 -23.77 -6.35
N LYS A 308 -5.31 -23.03 -5.82
CA LYS A 308 -4.21 -22.55 -6.63
C LYS A 308 -2.91 -23.05 -6.02
N LEU A 309 -2.80 -24.36 -5.89
CA LEU A 309 -1.64 -24.93 -5.24
C LEU A 309 -0.39 -24.49 -5.98
N GLY A 310 0.57 -23.93 -5.24
CA GLY A 310 1.83 -23.55 -5.84
C GLY A 310 1.89 -22.13 -6.37
N SER A 311 0.77 -21.40 -6.31
CA SER A 311 0.74 -20.00 -6.78
C SER A 311 1.04 -18.99 -5.67
N ALA A 312 1.75 -17.92 -6.04
CA ALA A 312 2.04 -16.84 -5.11
C ALA A 312 0.91 -15.82 -5.11
N GLY A 313 -0.03 -15.99 -6.03
CA GLY A 313 -1.19 -15.12 -6.09
C GLY A 313 -1.19 -14.04 -7.17
N LYS A 314 -1.73 -12.90 -6.81
CA LYS A 314 -1.87 -11.79 -7.75
C LYS A 314 -1.20 -10.53 -7.23
N PRO A 315 -0.88 -9.58 -8.11
CA PRO A 315 -0.15 -8.39 -7.65
C PRO A 315 -0.98 -7.53 -6.68
N LEU A 316 -0.33 -6.88 -5.72
CA LEU A 316 -1.00 -5.87 -4.91
C LEU A 316 -1.52 -4.72 -5.77
N PHE A 317 -2.46 -3.97 -5.21
CA PHE A 317 -3.01 -2.84 -5.95
C PHE A 317 -1.87 -1.86 -6.25
N SER A 318 -1.95 -1.19 -7.40
CA SER A 318 -0.90 -0.29 -7.92
C SER A 318 0.32 -1.03 -8.51
N CYS A 319 0.35 -2.35 -8.48
CA CYS A 319 1.56 -3.08 -8.85
C CYS A 319 1.32 -3.94 -10.04
N GLU A 320 2.38 -4.36 -10.70
CA GLU A 320 2.23 -5.18 -11.89
C GLU A 320 3.28 -6.25 -11.95
N ILE A 321 2.92 -7.35 -12.59
CA ILE A 321 3.88 -8.38 -12.94
C ILE A 321 3.67 -8.79 -14.39
N LYS A 322 4.72 -9.33 -14.98
CA LYS A 322 4.61 -9.96 -16.27
C LYS A 322 5.70 -11.05 -16.42
N ILE A 323 5.63 -11.80 -17.52
CA ILE A 323 6.61 -12.84 -17.80
C ILE A 323 7.22 -12.65 -19.20
N GLU A 324 8.54 -12.63 -19.30
CA GLU A 324 9.20 -12.31 -20.57
C GLU A 324 10.30 -13.30 -20.89
N ARG A 325 10.47 -13.53 -22.18
CA ARG A 325 11.51 -14.41 -22.70
C ARG A 325 12.12 -13.72 -23.92
N ASP A 326 13.39 -13.36 -23.82
CA ASP A 326 14.10 -12.67 -24.90
C ASP A 326 13.33 -11.46 -25.42
N GLY A 327 12.92 -10.58 -24.51
CA GLY A 327 12.24 -9.35 -24.89
C GLY A 327 10.75 -9.44 -25.22
N GLN A 328 10.23 -10.65 -25.32
CA GLN A 328 8.83 -10.85 -25.68
C GLN A 328 7.99 -11.39 -24.51
N VAL A 329 6.77 -10.88 -24.35
CA VAL A 329 5.88 -11.35 -23.29
C VAL A 329 5.42 -12.78 -23.60
N CYS A 330 5.35 -13.61 -22.56
CA CYS A 330 5.00 -15.02 -22.69
C CYS A 330 3.50 -15.26 -22.60
N GLU A 331 3.03 -16.27 -23.33
CA GLU A 331 1.64 -16.74 -23.22
C GLU A 331 1.43 -17.36 -21.84
N PRO A 332 0.18 -17.57 -21.45
CA PRO A 332 -0.07 -18.32 -20.20
C PRO A 332 0.68 -19.66 -20.11
N TYR A 333 1.24 -19.96 -18.94
CA TYR A 333 1.96 -21.21 -18.63
C TYR A 333 3.32 -21.31 -19.27
N GLU A 334 3.62 -20.39 -20.18
CA GLU A 334 4.93 -20.34 -20.79
C GLU A 334 5.95 -19.78 -19.81
N HIS A 335 7.00 -20.56 -19.56
CA HIS A 335 8.02 -20.17 -18.62
C HIS A 335 8.82 -19.01 -19.16
N GLY A 336 9.11 -18.05 -18.28
CA GLY A 336 9.97 -16.92 -18.60
C GLY A 336 10.41 -16.24 -17.32
N GLU A 337 11.09 -15.10 -17.46
CA GLU A 337 11.55 -14.37 -16.29
C GLU A 337 10.48 -13.43 -15.73
N ILE A 338 10.22 -13.53 -14.43
CA ILE A 338 9.30 -12.63 -13.77
C ILE A 338 9.81 -11.21 -13.75
N MET A 339 8.96 -10.28 -14.16
CA MET A 339 9.30 -8.89 -14.08
C MET A 339 8.22 -8.19 -13.29
N VAL A 340 8.63 -7.21 -12.50
CA VAL A 340 7.73 -6.51 -11.62
C VAL A 340 7.78 -5.02 -11.88
N LYS A 341 6.70 -4.33 -11.54
CA LYS A 341 6.62 -2.87 -11.62
C LYS A 341 5.62 -2.29 -10.61
N GLY A 342 5.84 -1.05 -10.19
CA GLY A 342 5.01 -0.43 -9.16
C GLY A 342 5.84 0.53 -8.32
N PRO A 343 5.17 1.45 -7.61
CA PRO A 343 5.83 2.50 -6.81
C PRO A 343 6.58 1.97 -5.58
N ASN A 344 6.50 0.67 -5.35
CA ASN A 344 7.20 0.03 -4.24
C ASN A 344 8.48 -0.60 -4.75
N VAL A 345 8.62 -0.67 -6.06
CA VAL A 345 9.85 -1.21 -6.64
C VAL A 345 11.01 -0.21 -6.49
N MET A 346 12.17 -0.73 -6.10
CA MET A 346 13.30 0.05 -5.71
C MET A 346 13.74 1.05 -6.77
N LYS A 347 14.40 2.10 -6.30
CA LYS A 347 15.10 3.07 -7.14
C LYS A 347 15.99 2.40 -8.20
N SER A 348 17.00 1.73 -7.69
CA SER A 348 18.07 1.13 -8.47
C SER A 348 19.01 0.49 -7.47
N TYR A 349 19.78 -0.48 -7.92
CA TYR A 349 20.85 -0.97 -7.09
C TYR A 349 21.85 0.17 -6.88
N PHE A 350 22.39 0.26 -5.67
CA PHE A 350 23.39 1.26 -5.37
C PHE A 350 24.72 0.92 -6.01
N ASN A 351 25.22 1.80 -6.88
CA ASN A 351 26.57 1.68 -7.38
C ASN A 351 26.79 0.35 -8.12
N ARG A 352 25.89 0.05 -9.05
CA ARG A 352 25.92 -1.18 -9.82
C ARG A 352 25.41 -0.94 -11.24
N GLU A 353 26.15 -0.14 -11.99
CA GLU A 353 25.77 0.29 -13.33
C GLU A 353 25.35 -0.85 -14.24
N SER A 354 26.16 -1.89 -14.25
CA SER A 354 25.88 -3.05 -15.07
C SER A 354 24.57 -3.76 -14.68
N ALA A 355 24.34 -4.00 -13.39
CA ALA A 355 23.13 -4.71 -12.97
C ALA A 355 21.90 -3.86 -13.24
N ASN A 356 22.03 -2.55 -13.05
CA ASN A 356 20.93 -1.63 -13.30
C ASN A 356 20.54 -1.61 -14.77
N GLU A 357 21.52 -1.57 -15.66
CA GLU A 357 21.23 -1.43 -17.06
C GLU A 357 20.58 -2.74 -17.56
N ALA A 358 21.02 -3.85 -16.97
CA ALA A 358 20.53 -5.17 -17.35
C ALA A 358 19.18 -5.53 -16.71
N SER A 359 18.92 -5.03 -15.51
CA SER A 359 17.75 -5.47 -14.77
C SER A 359 16.55 -4.60 -15.04
N PHE A 360 16.75 -3.44 -15.63
CA PHE A 360 15.61 -2.57 -15.90
C PHE A 360 15.28 -2.49 -17.39
N GLN A 361 14.00 -2.26 -17.67
CA GLN A 361 13.49 -2.12 -19.02
C GLN A 361 12.16 -1.40 -18.94
N ASN A 362 12.15 -0.15 -19.39
CA ASN A 362 10.95 0.66 -19.43
C ASN A 362 10.12 0.64 -18.17
N GLY A 363 10.77 0.88 -17.04
CA GLY A 363 10.09 1.00 -15.77
C GLY A 363 9.80 -0.33 -15.12
N TRP A 364 10.21 -1.42 -15.76
CA TRP A 364 9.99 -2.75 -15.20
C TRP A 364 11.30 -3.27 -14.62
N LEU A 365 11.22 -3.99 -13.50
CA LEU A 365 12.39 -4.66 -12.96
C LEU A 365 12.40 -6.15 -13.29
N LYS A 366 13.48 -6.60 -13.90
CA LYS A 366 13.74 -8.02 -14.07
C LYS A 366 14.21 -8.63 -12.75
N THR A 367 13.45 -9.58 -12.21
CA THR A 367 13.69 -10.11 -10.87
C THR A 367 14.76 -11.17 -10.76
N GLY A 368 15.13 -11.79 -11.88
CA GLY A 368 16.03 -12.93 -11.85
C GLY A 368 15.31 -14.22 -11.49
N ASP A 369 13.98 -14.13 -11.36
CA ASP A 369 13.17 -15.30 -11.04
C ASP A 369 12.49 -15.85 -12.28
N LEU A 370 12.48 -17.16 -12.41
CA LEU A 370 11.69 -17.74 -13.51
C LEU A 370 10.29 -18.09 -13.00
N GLY A 371 9.30 -17.83 -13.83
CA GLY A 371 7.95 -18.25 -13.49
C GLY A 371 7.00 -18.24 -14.67
N TYR A 372 5.71 -18.31 -14.35
CA TYR A 372 4.68 -18.17 -15.37
C TYR A 372 3.37 -17.75 -14.74
N LEU A 373 2.47 -17.26 -15.58
CA LEU A 373 1.10 -16.97 -15.23
C LEU A 373 0.17 -18.01 -15.81
N ASP A 374 -0.84 -18.40 -15.04
CA ASP A 374 -1.92 -19.21 -15.61
C ASP A 374 -2.93 -18.25 -16.25
N ASN A 375 -3.98 -18.81 -16.85
CA ASN A 375 -4.92 -18.03 -17.65
C ASN A 375 -5.60 -16.92 -16.88
N GLU A 376 -5.75 -17.10 -15.57
CA GLU A 376 -6.47 -16.12 -14.74
C GLU A 376 -5.50 -15.07 -14.20
N GLY A 377 -4.22 -15.22 -14.50
CA GLY A 377 -3.22 -14.27 -14.05
C GLY A 377 -2.58 -14.58 -12.71
N PHE A 378 -2.78 -15.78 -12.18
CA PHE A 378 -2.06 -16.12 -10.97
C PHE A 378 -0.62 -16.45 -11.31
N LEU A 379 0.28 -16.05 -10.41
CA LEU A 379 1.71 -16.24 -10.60
C LEU A 379 2.23 -17.55 -9.95
N TYR A 380 3.08 -18.27 -10.68
CA TYR A 380 3.74 -19.46 -10.15
C TYR A 380 5.23 -19.23 -10.25
N VAL A 381 5.92 -19.32 -9.14
CA VAL A 381 7.35 -19.06 -9.12
C VAL A 381 8.17 -20.33 -9.21
N LEU A 382 8.91 -20.49 -10.27
CA LEU A 382 9.84 -21.60 -10.42
C LEU A 382 11.13 -21.66 -9.59
N ASP A 383 11.84 -20.55 -9.52
CA ASP A 383 13.12 -20.36 -8.83
C ASP A 383 14.09 -19.65 -9.72
N ARG A 384 15.34 -19.56 -9.32
CA ARG A 384 16.24 -18.63 -9.96
C ARG A 384 16.73 -19.04 -11.31
N ARG A 385 16.72 -18.09 -12.21
CA ARG A 385 17.36 -18.23 -13.51
C ARG A 385 18.74 -18.85 -13.39
N SER A 386 19.55 -18.33 -12.48
CA SER A 386 20.95 -18.74 -12.34
C SER A 386 21.15 -20.20 -11.93
N ASP A 387 20.11 -20.81 -11.37
CA ASP A 387 20.20 -22.18 -10.88
C ASP A 387 19.59 -23.16 -11.89
N LEU A 388 19.30 -22.65 -13.08
CA LEU A 388 18.69 -23.48 -14.11
C LEU A 388 19.65 -24.57 -14.55
N ILE A 389 19.14 -25.78 -14.69
CA ILE A 389 19.92 -26.87 -15.27
C ILE A 389 19.30 -27.33 -16.59
N ILE A 390 20.05 -27.20 -17.68
CA ILE A 390 19.64 -27.82 -18.93
C ILE A 390 20.31 -29.18 -19.01
N SER A 391 19.55 -30.22 -18.68
CA SER A 391 20.09 -31.59 -18.59
C SER A 391 20.12 -32.19 -19.97
N GLY A 392 18.95 -32.56 -20.47
CA GLY A 392 18.84 -32.81 -21.89
C GLY A 392 18.80 -31.42 -22.48
N GLY A 393 18.20 -31.27 -23.66
CA GLY A 393 17.91 -29.94 -24.13
C GLY A 393 16.91 -29.26 -23.22
N GLU A 394 16.28 -30.04 -22.34
CA GLU A 394 15.17 -29.56 -21.52
C GLU A 394 15.64 -28.94 -20.18
N ASN A 395 14.80 -28.07 -19.64
CA ASN A 395 15.14 -27.34 -18.42
C ASN A 395 14.87 -28.15 -17.16
N ILE A 396 15.73 -27.97 -16.16
CA ILE A 396 15.54 -28.55 -14.84
C ILE A 396 15.62 -27.48 -13.72
N TYR A 397 14.52 -27.34 -12.98
CA TYR A 397 14.44 -26.41 -11.85
C TYR A 397 14.68 -27.14 -10.53
N PRO A 398 15.82 -26.86 -9.88
CA PRO A 398 16.24 -27.56 -8.65
C PRO A 398 15.21 -27.54 -7.53
N ALA A 399 14.46 -26.45 -7.44
CA ALA A 399 13.46 -26.28 -6.40
C ALA A 399 12.36 -27.32 -6.55
N GLU A 400 12.17 -27.79 -7.77
CA GLU A 400 11.14 -28.78 -8.05
C GLU A 400 11.57 -30.11 -7.47
N VAL A 401 12.77 -30.55 -7.84
CA VAL A 401 13.33 -31.82 -7.37
C VAL A 401 13.50 -31.81 -5.85
N GLU A 402 14.12 -30.76 -5.32
CA GLU A 402 14.28 -30.62 -3.87
C GLU A 402 12.95 -30.77 -3.15
N SER A 403 11.90 -30.20 -3.73
CA SER A 403 10.57 -30.31 -3.16
C SER A 403 10.14 -31.76 -3.05
N VAL A 404 10.32 -32.53 -4.12
CA VAL A 404 9.88 -33.93 -4.07
C VAL A 404 10.78 -34.69 -3.10
N LEU A 405 12.08 -34.36 -3.08
CA LEU A 405 13.00 -35.03 -2.16
C LEU A 405 12.66 -34.71 -0.72
N LEU A 406 12.35 -33.45 -0.44
CA LEU A 406 12.07 -32.98 0.91
C LEU A 406 10.78 -33.56 1.49
N SER A 407 9.81 -33.85 0.62
CA SER A 407 8.52 -34.37 1.05
C SER A 407 8.65 -35.79 1.57
N HIS A 408 9.78 -36.42 1.27
CA HIS A 408 10.07 -37.75 1.77
C HIS A 408 10.32 -37.71 3.28
N PRO A 409 9.81 -38.72 4.01
CA PRO A 409 9.88 -38.85 5.46
C PRO A 409 11.29 -38.79 6.03
N ALA A 410 12.26 -39.32 5.27
CA ALA A 410 13.62 -39.43 5.78
C ALA A 410 14.53 -38.27 5.36
N VAL A 411 14.01 -37.38 4.51
CA VAL A 411 14.82 -36.29 4.00
C VAL A 411 14.59 -35.02 4.81
N ALA A 412 15.70 -34.40 5.22
CA ALA A 412 15.69 -33.24 6.10
C ALA A 412 15.90 -31.96 5.32
N GLU A 413 16.84 -32.03 4.39
CA GLU A 413 17.21 -30.91 3.55
C GLU A 413 17.57 -31.50 2.20
N ALA A 414 17.21 -30.81 1.11
CA ALA A 414 17.55 -31.32 -0.20
C ALA A 414 18.17 -30.22 -1.01
N GLY A 415 19.19 -30.57 -1.80
CA GLY A 415 19.86 -29.62 -2.66
C GLY A 415 20.18 -30.29 -3.99
N VAL A 416 19.94 -29.58 -5.09
CA VAL A 416 20.14 -30.12 -6.41
C VAL A 416 21.06 -29.22 -7.24
N SER A 417 22.18 -29.77 -7.71
CA SER A 417 23.08 -29.01 -8.55
C SER A 417 23.25 -29.73 -9.87
N GLY A 418 23.69 -29.01 -10.89
CA GLY A 418 23.91 -29.63 -12.20
C GLY A 418 25.34 -30.05 -12.44
N ALA A 419 25.61 -31.36 -12.34
CA ALA A 419 26.93 -31.87 -12.70
C ALA A 419 27.08 -32.00 -14.20
N GLU A 420 28.08 -32.73 -14.65
CA GLU A 420 28.33 -32.89 -16.08
C GLU A 420 28.12 -34.31 -16.56
N ASP A 421 27.64 -34.45 -17.78
CA ASP A 421 27.57 -35.73 -18.46
C ASP A 421 27.74 -35.47 -19.94
N LYS A 422 28.17 -36.46 -20.70
CA LYS A 422 28.32 -36.27 -22.12
C LYS A 422 26.93 -36.45 -22.66
N LYS A 423 26.12 -35.43 -22.42
CA LYS A 423 24.70 -35.44 -22.74
C LYS A 423 24.01 -34.37 -21.91
N LYS A 426 25.30 -32.05 -19.10
CA LYS A 426 24.90 -31.79 -17.72
C LYS A 426 23.78 -32.70 -17.22
N VAL A 427 23.95 -33.23 -16.02
CA VAL A 427 22.97 -34.14 -15.42
C VAL A 427 22.74 -33.73 -13.95
N PRO A 428 21.59 -34.11 -13.37
CA PRO A 428 21.24 -33.60 -12.03
C PRO A 428 21.74 -34.44 -10.86
N HIS A 429 22.39 -33.81 -9.89
CA HIS A 429 22.80 -34.47 -8.65
C HIS A 429 22.08 -33.93 -7.44
N ALA A 430 21.66 -34.85 -6.55
CA ALA A 430 20.99 -34.48 -5.29
C ALA A 430 21.90 -34.62 -4.07
N TYR A 431 21.65 -33.79 -3.05
CA TYR A 431 22.41 -33.85 -1.80
C TYR A 431 21.46 -33.81 -0.61
N LEU A 432 21.27 -34.94 0.04
CA LEU A 432 20.23 -35.06 1.07
C LEU A 432 20.78 -35.15 2.49
N VAL A 433 20.34 -34.24 3.37
CA VAL A 433 20.51 -34.42 4.81
C VAL A 433 19.39 -35.35 5.19
N LEU A 434 19.64 -36.27 6.12
CA LEU A 434 18.66 -37.29 6.50
C LEU A 434 18.26 -37.24 7.98
N HIS A 435 17.05 -37.68 8.30
CA HIS A 435 16.69 -38.02 9.68
C HIS A 435 16.82 -39.54 9.86
N LYS A 436 15.95 -40.27 9.17
CA LYS A 436 16.04 -41.72 9.07
C LYS A 436 17.07 -42.05 8.01
N PRO A 437 17.47 -43.33 7.90
CA PRO A 437 18.27 -43.71 6.73
C PRO A 437 17.36 -44.04 5.53
N VAL A 438 17.86 -43.93 4.30
CA VAL A 438 17.01 -44.13 3.13
C VAL A 438 17.77 -44.70 1.93
N SER A 439 17.21 -45.74 1.30
CA SER A 439 17.85 -46.41 0.17
C SER A 439 17.76 -45.60 -1.11
N ALA A 440 18.81 -45.63 -1.92
CA ALA A 440 18.82 -44.92 -3.20
C ALA A 440 17.79 -45.52 -4.16
N GLY A 441 17.39 -46.75 -3.89
CA GLY A 441 16.30 -47.37 -4.63
C GLY A 441 14.97 -46.90 -4.07
N GLU A 442 14.90 -46.81 -2.74
CA GLU A 442 13.72 -46.29 -2.09
C GLU A 442 13.46 -44.83 -2.50
N LEU A 443 14.52 -44.10 -2.81
CA LEU A 443 14.39 -42.69 -3.17
C LEU A 443 14.13 -42.49 -4.66
N THR A 444 14.84 -43.25 -5.49
CA THR A 444 14.70 -43.15 -6.94
C THR A 444 13.26 -43.45 -7.35
N ASP A 445 12.63 -44.33 -6.59
CA ASP A 445 11.27 -44.75 -6.88
C ASP A 445 10.23 -43.79 -6.28
N TYR A 446 10.66 -42.95 -5.35
CA TYR A 446 9.81 -41.87 -4.84
C TYR A 446 9.79 -40.80 -5.93
N CYS A 447 10.96 -40.48 -6.47
CA CYS A 447 11.11 -39.55 -7.60
C CYS A 447 10.46 -40.07 -8.89
N LYS A 448 10.55 -41.38 -9.11
CA LYS A 448 9.97 -42.00 -10.30
C LYS A 448 8.48 -41.71 -10.39
N GLU A 449 7.79 -41.92 -9.27
CA GLU A 449 6.37 -41.68 -9.19
C GLU A 449 6.02 -40.22 -9.45
N ARG A 450 6.91 -39.30 -9.07
CA ARG A 450 6.53 -37.90 -9.00
C ARG A 450 7.26 -36.96 -9.98
N LEU A 451 8.19 -37.47 -10.78
CA LEU A 451 8.95 -36.61 -11.69
C LEU A 451 9.19 -37.26 -13.04
N ALA A 452 9.22 -36.45 -14.09
CA ALA A 452 9.61 -36.93 -15.41
C ALA A 452 11.00 -37.52 -15.30
N LYS A 453 11.25 -38.60 -16.04
CA LYS A 453 12.48 -39.39 -15.87
C LYS A 453 13.75 -38.53 -15.89
N TYR A 454 13.82 -37.62 -16.86
CA TYR A 454 15.04 -36.84 -17.08
C TYR A 454 15.31 -35.83 -15.97
N LYS A 455 14.31 -35.56 -15.14
CA LYS A 455 14.47 -34.65 -14.02
C LYS A 455 15.09 -35.34 -12.79
N ILE A 456 14.94 -36.67 -12.71
CA ILE A 456 15.33 -37.44 -11.53
C ILE A 456 16.85 -37.45 -11.30
N PRO A 457 17.29 -37.28 -10.04
CA PRO A 457 18.74 -37.19 -9.79
C PRO A 457 19.54 -38.46 -10.17
N ALA A 458 20.57 -38.25 -10.98
CA ALA A 458 21.44 -39.34 -11.43
C ALA A 458 22.08 -40.04 -10.24
N LYS A 459 22.97 -39.37 -9.52
CA LYS A 459 23.53 -39.95 -8.29
C LYS A 459 23.07 -39.19 -7.05
N PHE A 460 23.20 -39.84 -5.90
CA PHE A 460 22.80 -39.26 -4.61
C PHE A 460 24.02 -39.07 -3.68
N PHE A 461 24.06 -37.94 -2.98
CA PHE A 461 25.09 -37.69 -1.99
C PHE A 461 24.47 -37.40 -0.63
N VAL A 462 25.23 -37.56 0.45
CA VAL A 462 24.68 -37.28 1.78
C VAL A 462 25.57 -36.31 2.58
N LEU A 463 24.95 -35.42 3.35
CA LEU A 463 25.67 -34.48 4.21
C LEU A 463 25.03 -34.34 5.59
N ASP A 464 25.64 -33.51 6.43
CA ASP A 464 25.09 -33.17 7.73
C ASP A 464 24.46 -31.76 7.72
N ARG A 465 24.87 -30.97 6.74
CA ARG A 465 24.41 -29.60 6.56
C ARG A 465 24.77 -29.23 5.14
N LEU A 466 24.05 -28.27 4.57
CA LEU A 466 24.29 -27.90 3.18
C LEU A 466 24.79 -26.47 3.15
N PRO A 467 25.69 -26.16 2.21
CA PRO A 467 26.34 -24.83 2.16
C PRO A 467 25.37 -23.66 1.92
N ARG A 468 24.99 -23.01 3.02
CA ARG A 468 24.07 -21.88 3.01
C ARG A 468 24.76 -20.54 3.26
N ASN A 469 24.21 -19.48 2.67
CA ASN A 469 24.77 -18.16 2.94
C ASN A 469 24.17 -17.60 4.24
N ALA A 470 24.33 -16.29 4.46
CA ALA A 470 23.95 -15.70 5.74
C ALA A 470 22.45 -15.47 5.88
N SER A 471 21.72 -15.80 4.81
CA SER A 471 20.26 -15.73 4.81
C SER A 471 19.62 -17.10 4.72
N ASN A 472 20.41 -18.12 5.05
CA ASN A 472 19.99 -19.53 5.08
C ASN A 472 19.63 -20.04 3.69
N LYS A 473 20.05 -19.31 2.67
CA LYS A 473 19.85 -19.68 1.28
C LYS A 473 20.90 -20.66 0.75
N LEU A 474 20.42 -21.71 0.10
CA LEU A 474 21.24 -22.80 -0.41
C LEU A 474 22.15 -22.36 -1.54
N LEU A 475 23.45 -22.55 -1.35
CA LEU A 475 24.44 -22.16 -2.35
C LEU A 475 24.79 -23.36 -3.23
N ARG A 476 24.16 -23.42 -4.40
CA ARG A 476 24.14 -24.63 -5.24
C ARG A 476 25.46 -24.94 -5.89
N ASN A 477 26.15 -23.89 -6.33
CA ASN A 477 27.42 -24.05 -7.01
C ASN A 477 28.44 -24.77 -6.12
N GLN A 478 28.17 -24.80 -4.82
CA GLN A 478 29.15 -25.26 -3.83
C GLN A 478 28.89 -26.60 -3.17
N LEU A 479 27.89 -27.36 -3.61
CA LEU A 479 27.73 -28.67 -2.99
C LEU A 479 28.70 -29.69 -3.58
N LYS A 480 29.60 -29.22 -4.43
CA LYS A 480 30.67 -30.06 -4.94
C LYS A 480 32.03 -29.62 -4.34
N ASP A 481 32.38 -30.14 -3.17
CA ASP A 481 31.53 -31.05 -2.39
C ASP A 481 31.78 -30.83 -0.91
N ALA A 482 31.17 -31.66 -0.07
CA ALA A 482 31.38 -31.54 1.37
C ALA A 482 31.50 -32.90 2.05
N ARG A 483 30.47 -33.74 1.91
CA ARG A 483 30.47 -35.06 2.55
C ARG A 483 30.18 -36.20 1.56
N LYS A 484 30.13 -37.42 2.08
CA LYS A 484 30.15 -38.64 1.26
C LYS A 484 28.78 -39.17 0.88
N GLY A 485 28.62 -39.54 -0.39
CA GLY A 485 27.35 -40.02 -0.90
C GLY A 485 27.37 -41.42 -1.51
N GLU A 486 26.39 -42.23 -1.09
CA GLU A 486 26.33 -43.64 -1.47
C GLU A 486 25.19 -43.95 -2.44
N LEU A 487 24.91 -45.23 -2.64
CA LEU A 487 23.86 -45.68 -3.54
C LEU A 487 23.43 -47.11 -3.22
N THR B 5 5.00 8.09 -11.12
CA THR B 5 4.23 8.91 -12.05
C THR B 5 3.00 8.18 -12.67
N GLU B 6 2.99 6.83 -12.73
CA GLU B 6 1.77 6.16 -13.23
C GLU B 6 1.29 4.93 -12.45
N GLN B 7 -0.02 4.77 -12.42
CA GLN B 7 -0.66 3.58 -11.85
C GLN B 7 -1.55 2.97 -12.91
N PRO B 8 -1.64 1.64 -12.96
CA PRO B 8 -2.70 1.10 -13.81
C PRO B 8 -4.07 1.63 -13.40
N ASN B 9 -4.89 1.85 -14.41
CA ASN B 9 -6.26 2.29 -14.22
C ASN B 9 -6.92 1.55 -13.08
N TRP B 10 -7.41 2.31 -12.11
CA TRP B 10 -8.02 1.75 -10.92
C TRP B 10 -9.11 0.75 -11.24
N LEU B 11 -9.93 1.05 -12.25
CA LEU B 11 -11.06 0.17 -12.58
C LEU B 11 -10.59 -1.09 -13.25
N MET B 12 -9.65 -0.94 -14.17
CA MET B 12 -9.10 -2.08 -14.87
C MET B 12 -8.44 -3.03 -13.87
N GLN B 13 -7.58 -2.50 -12.98
CA GLN B 13 -6.87 -3.38 -12.06
C GLN B 13 -7.85 -4.02 -11.08
N ARG B 14 -8.79 -3.22 -10.61
CA ARG B 14 -9.79 -3.71 -9.66
C ARG B 14 -10.63 -4.83 -10.29
N ALA B 15 -10.95 -4.69 -11.57
CA ALA B 15 -11.70 -5.75 -12.24
C ALA B 15 -10.82 -6.99 -12.40
N GLN B 16 -9.53 -6.78 -12.67
CA GLN B 16 -8.61 -7.90 -12.76
C GLN B 16 -8.51 -8.65 -11.42
N LEU B 17 -8.37 -7.92 -10.33
CA LEU B 17 -8.14 -8.53 -9.03
C LEU B 17 -9.35 -9.24 -8.48
N THR B 18 -10.43 -8.48 -8.26
CA THR B 18 -11.64 -9.05 -7.71
C THR B 18 -12.85 -8.74 -8.59
N PRO B 19 -12.97 -9.48 -9.69
CA PRO B 19 -13.96 -9.35 -10.77
C PRO B 19 -15.43 -9.37 -10.31
N GLU B 20 -15.75 -10.10 -9.26
CA GLU B 20 -17.16 -10.32 -8.94
C GLU B 20 -17.59 -9.66 -7.64
N ARG B 21 -16.69 -8.92 -6.99
CA ARG B 21 -17.14 -8.07 -5.90
C ARG B 21 -18.10 -7.03 -6.47
N ILE B 22 -19.07 -6.61 -5.67
CA ILE B 22 -20.06 -5.62 -6.09
C ILE B 22 -19.43 -4.22 -6.13
N ALA B 23 -19.33 -3.64 -7.32
CA ALA B 23 -18.92 -2.24 -7.45
C ALA B 23 -20.02 -1.32 -6.96
N LEU B 24 -21.23 -1.56 -7.48
CA LEU B 24 -22.30 -0.59 -7.42
C LEU B 24 -23.64 -1.25 -7.08
N ILE B 25 -24.34 -0.71 -6.08
CA ILE B 25 -25.76 -1.06 -5.87
C ILE B 25 -26.63 0.18 -6.18
N TYR B 26 -27.37 0.09 -7.28
CA TYR B 26 -28.25 1.17 -7.70
C TYR B 26 -29.66 0.64 -7.96
N GLU B 27 -30.61 1.12 -7.17
CA GLU B 27 -32.01 0.71 -7.28
C GLU B 27 -32.13 -0.81 -7.23
N ASP B 28 -32.65 -1.37 -8.32
CA ASP B 28 -32.74 -2.83 -8.45
C ASP B 28 -31.36 -3.46 -8.64
N GLN B 29 -30.68 -3.05 -9.70
CA GLN B 29 -29.48 -3.71 -10.17
C GLN B 29 -28.30 -3.76 -9.18
N THR B 30 -27.38 -4.69 -9.42
CA THR B 30 -26.04 -4.57 -8.88
C THR B 30 -25.05 -4.77 -10.03
N VAL B 31 -23.90 -4.10 -9.90
CA VAL B 31 -22.85 -4.11 -10.93
C VAL B 31 -21.57 -4.57 -10.30
N THR B 32 -20.97 -5.61 -10.86
CA THR B 32 -19.70 -6.09 -10.36
C THR B 32 -18.61 -5.23 -10.98
N PHE B 33 -17.39 -5.33 -10.45
CA PHE B 33 -16.29 -4.56 -11.03
C PHE B 33 -15.99 -5.02 -12.45
N ALA B 34 -16.10 -6.31 -12.69
CA ALA B 34 -16.01 -6.82 -14.06
C ALA B 34 -17.07 -6.15 -14.93
N GLU B 35 -18.30 -6.09 -14.44
CA GLU B 35 -19.36 -5.43 -15.20
C GLU B 35 -19.10 -3.94 -15.36
N LEU B 36 -18.70 -3.28 -14.27
CA LEU B 36 -18.41 -1.85 -14.31
C LEU B 36 -17.33 -1.56 -15.34
N PHE B 37 -16.33 -2.44 -15.44
CA PHE B 37 -15.27 -2.22 -16.40
C PHE B 37 -15.77 -2.47 -17.82
N ALA B 38 -16.61 -3.49 -17.98
CA ALA B 38 -17.19 -3.78 -19.28
C ALA B 38 -18.09 -2.64 -19.76
N ALA B 39 -18.96 -2.16 -18.87
CA ALA B 39 -19.85 -1.05 -19.22
C ALA B 39 -19.07 0.24 -19.53
N SER B 40 -18.04 0.53 -18.75
CA SER B 40 -17.29 1.76 -18.95
C SER B 40 -16.41 1.67 -20.19
N LYS B 41 -15.95 0.47 -20.50
CA LYS B 41 -15.16 0.30 -21.72
C LYS B 41 -16.08 0.46 -22.94
N ARG B 42 -17.30 -0.06 -22.86
CA ARG B 42 -18.24 0.01 -23.98
C ARG B 42 -18.59 1.47 -24.26
N MET B 43 -19.03 2.16 -23.20
CA MET B 43 -19.35 3.57 -23.33
C MET B 43 -18.17 4.37 -23.87
N ALA B 44 -16.96 4.02 -23.45
CA ALA B 44 -15.79 4.73 -23.93
C ALA B 44 -15.58 4.48 -25.43
N GLU B 45 -15.93 3.29 -25.90
CA GLU B 45 -15.78 2.96 -27.32
C GLU B 45 -16.82 3.71 -28.16
N GLN B 46 -17.98 3.93 -27.56
CA GLN B 46 -19.04 4.66 -28.23
C GLN B 46 -18.75 6.16 -28.28
N LEU B 47 -18.18 6.71 -27.21
CA LEU B 47 -17.75 8.12 -27.22
C LEU B 47 -16.70 8.37 -28.31
N ALA B 48 -15.83 7.40 -28.50
CA ALA B 48 -14.73 7.51 -29.46
C ALA B 48 -15.25 7.59 -30.90
N ALA B 49 -16.34 6.87 -31.15
CA ALA B 49 -17.03 6.90 -32.43
C ALA B 49 -17.53 8.31 -32.75
N HIS B 50 -17.96 9.05 -31.72
CA HIS B 50 -18.39 10.43 -31.89
C HIS B 50 -17.22 11.42 -31.82
N SER B 51 -16.04 10.96 -32.22
CA SER B 51 -14.86 11.82 -32.35
C SER B 51 -14.30 12.37 -31.04
N VAL B 52 -14.73 11.84 -29.90
CA VAL B 52 -14.11 12.18 -28.63
C VAL B 52 -12.75 11.50 -28.51
N ARG B 53 -11.70 12.31 -28.48
CA ARG B 53 -10.32 11.82 -28.54
C ARG B 53 -9.55 12.10 -27.25
N LYS B 54 -8.46 11.35 -27.07
CA LYS B 54 -7.56 11.54 -25.96
C LYS B 54 -7.13 13.00 -25.88
N GLY B 55 -7.10 13.55 -24.67
CA GLY B 55 -6.69 14.94 -24.48
C GLY B 55 -7.84 15.95 -24.54
N ASP B 56 -9.03 15.48 -24.88
CA ASP B 56 -10.22 16.33 -24.86
C ASP B 56 -10.80 16.52 -23.46
N THR B 57 -11.78 17.40 -23.39
CA THR B 57 -12.46 17.75 -22.17
C THR B 57 -13.95 17.53 -22.35
N ALA B 58 -14.54 16.65 -21.54
CA ALA B 58 -15.97 16.40 -21.64
C ALA B 58 -16.69 16.81 -20.36
N ALA B 59 -17.81 17.50 -20.50
CA ALA B 59 -18.60 17.83 -19.33
C ALA B 59 -19.67 16.75 -19.13
N ILE B 60 -20.15 16.67 -17.91
CA ILE B 60 -21.10 15.64 -17.58
C ILE B 60 -22.23 16.29 -16.83
N LEU B 61 -23.44 16.16 -17.36
CA LEU B 61 -24.62 16.72 -16.72
C LEU B 61 -25.65 15.62 -16.53
N LEU B 62 -25.64 15.02 -15.34
CA LEU B 62 -26.52 13.88 -15.01
C LEU B 62 -26.85 13.85 -13.51
N GLN B 63 -28.01 13.28 -13.17
CA GLN B 63 -28.29 12.91 -11.78
C GLN B 63 -27.54 11.63 -11.45
N ASN B 64 -27.53 11.26 -10.17
CA ASN B 64 -26.94 9.99 -9.77
C ASN B 64 -27.64 8.84 -10.46
N ARG B 65 -26.94 8.22 -11.39
CA ARG B 65 -27.42 7.05 -12.09
C ARG B 65 -26.21 6.17 -12.29
N ALA B 66 -26.41 4.87 -12.49
CA ALA B 66 -25.30 3.99 -12.86
C ALA B 66 -24.59 4.54 -14.09
N GLU B 67 -25.35 5.22 -14.95
CA GLU B 67 -24.83 5.67 -16.22
C GLU B 67 -23.84 6.83 -16.04
N MET B 68 -23.95 7.52 -14.91
CA MET B 68 -23.05 8.61 -14.64
C MET B 68 -21.69 8.07 -14.23
N VAL B 69 -21.72 7.00 -13.45
CA VAL B 69 -20.52 6.31 -12.99
C VAL B 69 -19.77 5.75 -14.18
N TYR B 70 -20.48 5.15 -15.14
CA TYR B 70 -19.83 4.65 -16.34
C TYR B 70 -19.14 5.78 -17.07
N ALA B 71 -19.82 6.92 -17.15
CA ALA B 71 -19.34 8.05 -17.92
C ALA B 71 -18.03 8.57 -17.36
N VAL B 72 -17.98 8.72 -16.03
CA VAL B 72 -16.75 9.09 -15.37
C VAL B 72 -15.62 8.17 -15.80
N HIS B 73 -15.85 6.86 -15.64
CA HIS B 73 -14.84 5.87 -15.95
C HIS B 73 -14.50 5.81 -17.45
N ALA B 74 -15.49 6.06 -18.29
CA ALA B 74 -15.26 6.08 -19.74
C ALA B 74 -14.31 7.20 -20.12
N CYS B 75 -14.43 8.35 -19.44
CA CYS B 75 -13.50 9.45 -19.69
C CYS B 75 -12.08 9.05 -19.33
N PHE B 76 -11.92 8.51 -18.13
CA PHE B 76 -10.62 8.02 -17.68
C PHE B 76 -10.06 7.05 -18.71
N LEU B 77 -10.91 6.11 -19.14
CA LEU B 77 -10.45 5.08 -20.07
C LEU B 77 -10.08 5.64 -21.44
N LEU B 78 -10.52 6.87 -21.73
CA LEU B 78 -10.26 7.50 -23.04
C LEU B 78 -9.12 8.50 -22.97
N GLY B 79 -8.78 8.91 -21.76
CA GLY B 79 -7.78 9.95 -21.56
C GLY B 79 -8.43 11.31 -21.74
N VAL B 80 -9.65 11.45 -21.20
CA VAL B 80 -10.47 12.62 -21.38
C VAL B 80 -10.81 13.29 -20.06
N LYS B 81 -10.38 14.55 -19.88
CA LYS B 81 -10.77 15.32 -18.69
C LYS B 81 -12.29 15.34 -18.53
N ALA B 82 -12.76 15.06 -17.31
CA ALA B 82 -14.21 15.11 -17.08
C ALA B 82 -14.55 16.31 -16.20
N VAL B 83 -15.51 17.12 -16.67
CA VAL B 83 -16.04 18.23 -15.89
C VAL B 83 -17.40 17.84 -15.35
N LEU B 84 -17.56 17.96 -14.04
CA LEU B 84 -18.83 17.56 -13.46
C LEU B 84 -19.67 18.79 -13.14
N LEU B 85 -20.78 18.93 -13.88
CA LEU B 85 -21.62 20.13 -13.76
C LEU B 85 -22.74 19.91 -12.75
N ASN B 86 -22.84 20.83 -11.78
CA ASN B 86 -23.95 20.88 -10.83
C ASN B 86 -25.28 21.05 -11.56
N THR B 87 -26.19 20.13 -11.35
CA THR B 87 -27.46 20.12 -12.09
C THR B 87 -28.45 21.14 -11.58
N LYS B 88 -28.20 21.67 -10.39
CA LYS B 88 -29.09 22.64 -9.77
C LYS B 88 -28.71 24.10 -10.10
N LEU B 89 -27.65 24.29 -10.89
CA LEU B 89 -27.25 25.63 -11.28
C LEU B 89 -28.20 26.16 -12.34
N SER B 90 -28.12 27.45 -12.63
CA SER B 90 -28.83 27.99 -13.79
C SER B 90 -28.08 27.53 -15.04
N THR B 91 -28.78 27.55 -16.16
CA THR B 91 -28.18 27.21 -17.43
C THR B 91 -26.95 28.09 -17.75
N HIS B 92 -27.00 29.36 -17.39
CA HIS B 92 -25.89 30.24 -17.75
C HIS B 92 -24.67 29.97 -16.86
N GLU B 93 -24.90 29.60 -15.60
CA GLU B 93 -23.79 29.24 -14.73
C GLU B 93 -23.08 28.03 -15.33
N ARG B 94 -23.87 27.23 -16.04
CA ARG B 94 -23.40 26.04 -16.70
C ARG B 94 -22.66 26.37 -17.99
N LEU B 95 -23.21 27.32 -18.75
CA LEU B 95 -22.61 27.73 -20.02
C LEU B 95 -21.25 28.41 -19.77
N PHE B 96 -21.17 29.23 -18.75
CA PHE B 96 -19.90 29.84 -18.33
C PHE B 96 -18.83 28.76 -18.10
N GLN B 97 -19.23 27.67 -17.46
CA GLN B 97 -18.25 26.64 -17.07
C GLN B 97 -17.85 25.78 -18.26
N LEU B 98 -18.81 25.53 -19.16
CA LEU B 98 -18.50 24.87 -20.42
C LEU B 98 -17.47 25.67 -21.25
N GLU B 99 -17.63 26.99 -21.32
CA GLU B 99 -16.68 27.85 -22.04
C GLU B 99 -15.34 27.88 -21.28
N ASP B 100 -15.41 28.07 -19.96
CA ASP B 100 -14.20 28.23 -19.16
C ASP B 100 -13.30 27.00 -19.22
N SER B 101 -13.92 25.82 -19.25
CA SER B 101 -13.21 24.54 -19.10
C SER B 101 -12.65 24.05 -20.40
N GLY B 102 -13.09 24.66 -21.49
CA GLY B 102 -12.74 24.20 -22.82
C GLY B 102 -13.32 22.84 -23.17
N SER B 103 -14.47 22.48 -22.60
CA SER B 103 -15.18 21.26 -23.01
C SER B 103 -15.51 21.26 -24.49
N GLY B 104 -15.31 20.13 -25.15
CA GLY B 104 -15.77 19.99 -26.52
C GLY B 104 -17.05 19.15 -26.53
N PHE B 105 -17.43 18.63 -25.39
CA PHE B 105 -18.57 17.73 -25.33
C PHE B 105 -19.33 17.88 -24.02
N LEU B 106 -20.63 17.68 -24.13
CA LEU B 106 -21.49 17.56 -22.96
C LEU B 106 -22.25 16.24 -23.01
N LEU B 107 -21.98 15.37 -22.05
CA LEU B 107 -22.74 14.14 -21.88
C LEU B 107 -23.87 14.37 -20.88
N THR B 108 -25.11 14.22 -21.35
CA THR B 108 -26.29 14.46 -20.51
C THR B 108 -27.42 13.53 -20.97
N ASP B 109 -28.65 13.74 -20.53
CA ASP B 109 -29.74 12.87 -20.98
C ASP B 109 -31.05 13.64 -21.32
N SER B 110 -32.16 12.93 -21.49
CA SER B 110 -33.44 13.55 -21.85
C SER B 110 -33.95 14.50 -20.79
N SER B 111 -33.49 14.29 -19.55
CA SER B 111 -33.87 15.11 -18.41
C SER B 111 -33.47 16.57 -18.59
N PHE B 112 -32.53 16.81 -19.50
CA PHE B 112 -32.02 18.16 -19.72
C PHE B 112 -32.22 18.60 -21.17
N GLU B 113 -32.34 19.90 -21.40
CA GLU B 113 -32.52 20.43 -22.74
C GLU B 113 -31.18 20.64 -23.44
N LYS B 114 -30.79 19.64 -24.23
CA LYS B 114 -29.57 19.66 -25.03
C LYS B 114 -29.42 20.91 -25.90
N LYS B 115 -30.54 21.35 -26.49
CA LYS B 115 -30.52 22.49 -27.40
C LYS B 115 -30.03 23.76 -26.71
N GLU B 116 -29.97 23.71 -25.38
CA GLU B 116 -29.56 24.85 -24.60
C GLU B 116 -28.04 24.94 -24.55
N TYR B 117 -27.34 23.91 -25.02
CA TYR B 117 -25.88 23.89 -24.92
C TYR B 117 -25.19 23.68 -26.26
N GLU B 118 -25.94 23.26 -27.27
CA GLU B 118 -25.30 22.82 -28.50
C GLU B 118 -24.76 23.95 -29.36
N HIS B 119 -25.01 25.20 -28.98
CA HIS B 119 -24.41 26.33 -29.68
C HIS B 119 -22.96 26.55 -29.22
N ILE B 120 -22.54 25.77 -28.22
CA ILE B 120 -21.19 25.83 -27.66
C ILE B 120 -20.43 24.50 -27.66
N VAL B 121 -21.09 23.42 -27.26
CA VAL B 121 -20.48 22.09 -27.29
C VAL B 121 -21.30 21.10 -28.12
N GLN B 122 -20.65 20.08 -28.67
CA GLN B 122 -21.38 18.89 -29.13
C GLN B 122 -22.08 18.27 -27.93
N THR B 123 -23.36 17.93 -28.08
CA THR B 123 -24.10 17.25 -27.02
C THR B 123 -24.34 15.78 -27.36
N ILE B 124 -24.28 14.94 -26.35
CA ILE B 124 -24.42 13.50 -26.48
C ILE B 124 -25.39 13.02 -25.41
N ASP B 125 -26.39 12.24 -25.84
CA ASP B 125 -27.39 11.65 -24.96
C ASP B 125 -26.94 10.26 -24.48
N VAL B 126 -26.62 10.16 -23.19
CA VAL B 126 -26.03 8.93 -22.62
C VAL B 126 -26.81 7.68 -23.04
N ASP B 127 -28.14 7.76 -22.95
CA ASP B 127 -28.98 6.60 -23.20
C ASP B 127 -29.09 6.28 -24.68
N GLU B 128 -29.08 7.29 -25.54
CA GLU B 128 -29.04 6.99 -26.97
C GLU B 128 -27.66 6.47 -27.30
N LEU B 129 -26.62 7.14 -26.79
CA LEU B 129 -25.23 6.75 -26.99
C LEU B 129 -24.97 5.27 -26.71
N MET B 130 -25.56 4.76 -25.65
CA MET B 130 -25.38 3.37 -25.29
C MET B 130 -25.94 2.43 -26.34
N LYS B 131 -27.07 2.81 -26.94
CA LYS B 131 -27.77 1.89 -27.83
C LYS B 131 -27.00 1.64 -29.13
N GLU B 132 -25.92 2.39 -29.34
CA GLU B 132 -25.20 2.33 -30.62
C GLU B 132 -24.04 1.34 -30.69
N ALA B 133 -23.80 0.80 -31.88
CA ALA B 133 -22.63 -0.04 -32.11
C ALA B 133 -21.38 0.82 -32.12
N ALA B 134 -20.24 0.22 -31.77
CA ALA B 134 -18.97 0.93 -31.91
C ALA B 134 -17.77 -0.03 -32.04
N GLU B 135 -16.82 0.34 -32.88
CA GLU B 135 -15.60 -0.45 -33.04
C GLU B 135 -14.84 -0.51 -31.71
N GLU B 136 -14.08 -1.58 -31.51
CA GLU B 136 -13.29 -1.71 -30.29
C GLU B 136 -12.11 -0.73 -30.31
N ILE B 137 -11.67 -0.32 -29.12
CA ILE B 137 -10.52 0.55 -28.99
C ILE B 137 -9.52 0.01 -27.99
N GLU B 138 -8.30 0.49 -28.09
CA GLU B 138 -7.26 0.19 -27.11
C GLU B 138 -7.36 1.25 -26.00
N ILE B 139 -7.97 0.89 -24.88
CA ILE B 139 -8.16 1.85 -23.79
C ILE B 139 -6.84 2.38 -23.27
N GLU B 140 -6.95 3.36 -22.39
CA GLU B 140 -5.83 3.93 -21.69
C GLU B 140 -5.62 3.16 -20.38
N ALA B 141 -4.71 2.20 -20.40
CA ALA B 141 -4.50 1.31 -19.24
C ALA B 141 -3.80 1.99 -18.04
N TYR B 142 -3.12 3.11 -18.26
CA TYR B 142 -2.46 3.81 -17.15
C TYR B 142 -3.09 5.16 -16.84
N MET B 143 -3.23 5.44 -15.55
CA MET B 143 -3.48 6.79 -15.08
C MET B 143 -2.15 7.45 -14.75
N GLN B 144 -1.86 8.58 -15.38
CA GLN B 144 -0.72 9.40 -14.95
C GLN B 144 -1.11 10.17 -13.70
N MET B 145 -0.37 9.98 -12.62
CA MET B 145 -0.70 10.62 -11.36
C MET B 145 -0.81 12.17 -11.43
N ASP B 146 -0.05 12.81 -12.31
CA ASP B 146 -0.06 14.27 -12.34
C ASP B 146 -1.01 14.88 -13.38
N ALA B 147 -1.76 14.06 -14.10
CA ALA B 147 -2.74 14.56 -15.06
C ALA B 147 -4.06 14.89 -14.39
N THR B 148 -4.80 15.83 -14.97
CA THR B 148 -6.11 16.15 -14.45
C THR B 148 -7.05 15.02 -14.77
N ALA B 149 -7.73 14.51 -13.75
CA ALA B 149 -8.76 13.51 -13.98
C ALA B 149 -10.09 14.24 -14.15
N THR B 150 -10.41 15.06 -13.17
CA THR B 150 -11.66 15.77 -13.17
C THR B 150 -11.45 17.25 -12.90
N LEU B 151 -12.23 18.06 -13.58
CA LEU B 151 -12.30 19.48 -13.29
C LEU B 151 -13.66 19.76 -12.64
N MET B 152 -13.63 20.48 -11.53
CA MET B 152 -14.82 20.70 -10.70
C MET B 152 -14.81 22.16 -10.24
N TYR B 153 -15.89 22.88 -10.50
CA TYR B 153 -15.89 24.31 -10.27
C TYR B 153 -16.18 24.69 -8.84
N THR B 154 -15.57 25.78 -8.39
CA THR B 154 -15.90 26.33 -7.08
C THR B 154 -17.29 26.95 -7.10
N SER B 155 -18.05 26.68 -6.04
CA SER B 155 -19.37 27.27 -5.85
C SER B 155 -19.20 28.67 -5.27
N GLY B 156 -18.55 29.53 -6.04
CA GLY B 156 -18.11 30.82 -5.57
C GLY B 156 -19.19 31.84 -5.24
N THR B 157 -19.36 32.07 -3.93
CA THR B 157 -20.08 33.24 -3.45
C THR B 157 -19.13 34.44 -3.54
N THR B 158 -17.87 34.14 -3.81
CA THR B 158 -16.79 35.12 -3.87
C THR B 158 -16.45 35.57 -5.29
N GLY B 159 -17.40 35.43 -6.20
CA GLY B 159 -17.17 35.86 -7.57
C GLY B 159 -17.17 34.71 -8.56
N LYS B 160 -16.43 34.90 -9.65
CA LYS B 160 -16.45 33.97 -10.76
C LYS B 160 -15.84 32.63 -10.36
N PRO B 161 -16.63 31.56 -10.47
CA PRO B 161 -16.20 30.18 -10.18
C PRO B 161 -14.86 29.83 -10.84
N LYS B 162 -14.08 29.02 -10.14
CA LYS B 162 -12.81 28.54 -10.67
C LYS B 162 -12.85 27.03 -10.83
N GLY B 163 -12.24 26.56 -11.93
CA GLY B 163 -12.16 25.14 -12.17
C GLY B 163 -11.03 24.52 -11.36
N VAL B 164 -11.40 23.65 -10.42
CA VAL B 164 -10.39 22.96 -9.60
C VAL B 164 -9.84 21.77 -10.38
N GLN B 165 -8.56 21.83 -10.73
CA GLN B 165 -7.95 20.72 -11.46
C GLN B 165 -7.56 19.62 -10.48
N GLN B 166 -8.31 18.52 -10.48
CA GLN B 166 -8.10 17.41 -9.57
C GLN B 166 -7.41 16.25 -10.26
N THR B 167 -6.17 15.97 -9.86
CA THR B 167 -5.39 14.92 -10.55
C THR B 167 -5.76 13.52 -10.09
N PHE B 168 -5.39 12.53 -10.90
CA PHE B 168 -5.51 11.13 -10.49
C PHE B 168 -4.77 10.90 -9.18
N GLY B 169 -3.55 11.45 -9.09
CA GLY B 169 -2.82 11.52 -7.83
C GLY B 169 -3.64 12.06 -6.64
N ASN B 170 -4.30 13.21 -6.81
CA ASN B 170 -5.10 13.78 -5.71
C ASN B 170 -6.15 12.82 -5.19
N HIS B 171 -6.87 12.20 -6.13
CA HIS B 171 -7.96 11.30 -5.81
C HIS B 171 -7.44 10.06 -5.08
N TYR B 172 -6.41 9.44 -5.63
CA TYR B 172 -5.75 8.32 -4.97
C TYR B 172 -5.30 8.69 -3.55
N PHE B 173 -4.59 9.81 -3.40
CA PHE B 173 -4.06 10.11 -2.07
C PHE B 173 -5.19 10.44 -1.11
N SER B 174 -6.21 11.12 -1.62
CA SER B 174 -7.41 11.35 -0.84
C SER B 174 -8.02 10.05 -0.32
N ALA B 175 -8.13 9.04 -1.19
CA ALA B 175 -8.75 7.76 -0.81
C ALA B 175 -7.87 6.97 0.16
N VAL B 176 -6.56 7.00 -0.07
CA VAL B 176 -5.60 6.32 0.81
C VAL B 176 -5.52 6.99 2.19
N SER B 177 -5.47 8.32 2.23
CA SER B 177 -5.44 9.04 3.51
C SER B 177 -6.68 8.79 4.36
N SER B 178 -7.84 8.77 3.71
CA SER B 178 -9.12 8.50 4.40
C SER B 178 -9.16 7.10 5.00
N ALA B 179 -8.60 6.12 4.27
CA ALA B 179 -8.53 4.74 4.75
C ALA B 179 -7.65 4.64 5.99
N LEU B 180 -6.49 5.29 5.96
CA LEU B 180 -5.60 5.36 7.12
C LEU B 180 -6.34 5.98 8.30
N ASN B 181 -7.24 6.88 7.99
CA ASN B 181 -8.08 7.54 8.98
C ASN B 181 -9.20 6.65 9.54
N LEU B 182 -10.00 6.05 8.65
CA LEU B 182 -11.17 5.31 9.11
C LEU B 182 -10.96 3.80 9.17
N GLY B 183 -9.90 3.27 8.57
CA GLY B 183 -9.76 1.84 8.39
C GLY B 183 -10.63 1.31 7.26
N ILE B 184 -10.28 0.17 6.69
CA ILE B 184 -11.11 -0.45 5.65
C ILE B 184 -11.27 -1.95 5.86
N THR B 185 -12.42 -2.45 5.45
CA THR B 185 -12.86 -3.82 5.70
C THR B 185 -13.46 -4.41 4.44
N GLU B 186 -13.32 -5.72 4.24
CA GLU B 186 -13.97 -6.37 3.10
C GLU B 186 -15.48 -6.17 3.19
N GLN B 187 -16.01 -6.16 4.41
CA GLN B 187 -17.46 -6.10 4.61
C GLN B 187 -18.00 -4.68 4.43
N ASP B 188 -17.10 -3.71 4.32
CA ASP B 188 -17.48 -2.31 4.17
C ASP B 188 -18.26 -1.97 2.91
N ARG B 189 -19.31 -1.17 3.10
CA ARG B 189 -20.16 -0.70 2.02
C ARG B 189 -20.55 0.75 2.29
N TRP B 190 -20.38 1.60 1.28
CA TRP B 190 -20.57 3.03 1.45
C TRP B 190 -21.81 3.56 0.72
N LEU B 191 -22.71 4.21 1.47
CA LEU B 191 -23.92 4.76 0.85
C LEU B 191 -23.74 6.22 0.46
N ILE B 192 -24.08 6.52 -0.78
CA ILE B 192 -24.07 7.89 -1.27
C ILE B 192 -25.46 8.28 -1.75
N ALA B 193 -26.06 9.25 -1.08
CA ALA B 193 -27.34 9.82 -1.51
C ALA B 193 -27.16 11.31 -1.74
N LEU B 194 -25.92 11.68 -2.04
CA LEU B 194 -25.54 13.05 -2.32
C LEU B 194 -25.13 13.15 -3.77
N PRO B 195 -25.13 14.36 -4.33
CA PRO B 195 -24.78 14.41 -5.75
C PRO B 195 -23.35 13.93 -6.05
N LEU B 196 -23.21 13.13 -7.10
CA LEU B 196 -21.91 12.71 -7.62
C LEU B 196 -21.06 13.85 -8.20
N PHE B 197 -21.67 15.00 -8.54
CA PHE B 197 -20.88 16.11 -9.08
C PHE B 197 -20.21 16.96 -7.98
N HIS B 198 -20.60 16.74 -6.72
N HIS B 198 -20.62 16.75 -6.73
CA HIS B 198 -19.86 17.32 -5.59
CA HIS B 198 -19.87 17.30 -5.60
C HIS B 198 -18.81 16.32 -5.15
C HIS B 198 -18.77 16.30 -5.24
N ILE B 199 -17.62 16.80 -4.79
CA ILE B 199 -16.47 15.93 -4.53
C ILE B 199 -16.73 14.85 -3.47
N SER B 200 -17.68 15.14 -2.58
CA SER B 200 -18.05 14.21 -1.53
C SER B 200 -18.69 12.94 -2.09
N GLY B 201 -19.40 13.06 -3.21
CA GLY B 201 -20.00 11.91 -3.86
C GLY B 201 -19.07 11.32 -4.89
N LEU B 202 -18.41 12.17 -5.66
CA LEU B 202 -17.45 11.71 -6.65
C LEU B 202 -16.38 10.84 -6.00
N SER B 203 -15.85 11.29 -4.86
CA SER B 203 -14.69 10.62 -4.27
C SER B 203 -14.99 9.19 -3.81
N ALA B 204 -16.25 8.89 -3.52
CA ALA B 204 -16.62 7.53 -3.14
C ALA B 204 -16.39 6.58 -4.31
N LEU B 205 -16.58 7.11 -5.53
CA LEU B 205 -16.43 6.31 -6.75
C LEU B 205 -15.01 5.84 -6.88
N PHE B 206 -14.08 6.65 -6.39
CA PHE B 206 -12.67 6.33 -6.48
C PHE B 206 -12.25 5.46 -5.31
N LYS B 207 -12.77 5.77 -4.12
CA LYS B 207 -12.60 4.90 -2.96
C LYS B 207 -13.03 3.50 -3.36
N SER B 208 -14.19 3.42 -4.03
CA SER B 208 -14.81 2.14 -4.41
C SER B 208 -13.88 1.22 -5.19
N VAL B 209 -13.29 1.77 -6.22
CA VAL B 209 -12.48 1.01 -7.13
C VAL B 209 -11.04 0.79 -6.59
N ILE B 210 -10.51 1.74 -5.84
CA ILE B 210 -9.23 1.53 -5.17
C ILE B 210 -9.31 0.53 -3.99
N TYR B 211 -10.33 0.68 -3.12
CA TYR B 211 -10.52 -0.30 -2.04
C TYR B 211 -11.13 -1.61 -2.57
N GLY B 212 -11.89 -1.57 -3.65
CA GLY B 212 -12.68 -2.72 -4.04
C GLY B 212 -13.90 -2.82 -3.13
N MET B 213 -14.47 -1.65 -2.84
CA MET B 213 -15.59 -1.50 -1.90
C MET B 213 -16.88 -1.16 -2.65
N THR B 214 -17.98 -1.76 -2.24
CA THR B 214 -19.28 -1.47 -2.84
C THR B 214 -19.75 -0.07 -2.48
N VAL B 215 -20.23 0.66 -3.48
CA VAL B 215 -20.97 1.89 -3.25
C VAL B 215 -22.49 1.71 -3.44
N VAL B 216 -23.26 2.00 -2.40
CA VAL B 216 -24.72 1.96 -2.51
C VAL B 216 -25.23 3.31 -2.96
N LEU B 217 -25.69 3.40 -4.20
CA LEU B 217 -26.00 4.69 -4.80
C LEU B 217 -27.49 5.03 -4.80
N HIS B 218 -27.77 6.31 -4.65
CA HIS B 218 -29.11 6.79 -4.41
C HIS B 218 -29.26 8.12 -5.13
N GLN B 219 -30.21 8.20 -6.04
CA GLN B 219 -30.42 9.41 -6.86
C GLN B 219 -30.58 10.65 -6.01
N ARG B 220 -31.26 10.52 -4.86
CA ARG B 220 -31.49 11.65 -3.97
C ARG B 220 -31.63 11.12 -2.53
N PHE B 221 -31.92 12.00 -1.58
CA PHE B 221 -32.02 11.55 -0.20
C PHE B 221 -33.45 11.57 0.32
N SER B 222 -33.96 10.38 0.67
CA SER B 222 -35.26 10.23 1.32
C SER B 222 -35.13 9.20 2.43
N VAL B 223 -35.15 9.68 3.67
CA VAL B 223 -34.89 8.88 4.87
C VAL B 223 -35.42 7.44 4.85
N SER B 224 -36.60 7.22 4.27
CA SER B 224 -37.17 5.89 4.25
C SER B 224 -36.43 4.98 3.28
N ASP B 225 -36.22 5.47 2.06
CA ASP B 225 -35.53 4.69 1.04
C ASP B 225 -34.09 4.39 1.46
N VAL B 226 -33.50 5.32 2.20
CA VAL B 226 -32.10 5.20 2.61
C VAL B 226 -31.96 4.15 3.71
N LEU B 227 -32.86 4.19 4.69
CA LEU B 227 -32.79 3.24 5.80
C LEU B 227 -33.15 1.84 5.35
N HIS B 228 -34.03 1.72 4.36
CA HIS B 228 -34.32 0.42 3.77
C HIS B 228 -33.08 -0.14 3.07
N SER B 229 -32.38 0.71 2.32
CA SER B 229 -31.14 0.32 1.65
C SER B 229 -30.06 -0.05 2.66
N ILE B 230 -29.87 0.82 3.65
CA ILE B 230 -28.91 0.59 4.72
C ILE B 230 -29.00 -0.81 5.27
N ASN B 231 -30.23 -1.27 5.49
CA ASN B 231 -30.46 -2.56 6.11
C ASN B 231 -30.46 -3.71 5.12
N ARG B 232 -31.06 -3.51 3.96
CA ARG B 232 -31.09 -4.59 2.98
C ARG B 232 -29.66 -4.89 2.51
N HIS B 233 -28.79 -3.88 2.52
CA HIS B 233 -27.46 -4.03 1.96
C HIS B 233 -26.36 -3.86 2.99
N GLU B 234 -26.73 -3.74 4.26
CA GLU B 234 -25.75 -3.61 5.34
C GLU B 234 -24.66 -2.58 5.04
N VAL B 235 -25.10 -1.37 4.79
CA VAL B 235 -24.22 -0.24 4.67
C VAL B 235 -23.43 -0.07 5.96
N THR B 236 -22.17 0.33 5.84
CA THR B 236 -21.35 0.55 7.02
C THR B 236 -20.87 1.97 7.06
N MET B 237 -20.70 2.55 5.88
CA MET B 237 -20.25 3.93 5.76
C MET B 237 -21.31 4.75 5.05
N ILE B 238 -21.53 5.97 5.51
CA ILE B 238 -22.40 6.87 4.77
C ILE B 238 -21.93 8.32 4.84
N SER B 239 -22.05 9.02 3.71
CA SER B 239 -21.72 10.44 3.63
C SER B 239 -23.00 11.27 3.78
N ALA B 240 -22.96 12.28 4.65
CA ALA B 240 -24.15 13.05 4.96
C ALA B 240 -23.87 14.52 5.29
N VAL B 241 -24.82 15.38 4.93
CA VAL B 241 -24.79 16.76 5.37
C VAL B 241 -25.64 16.90 6.63
N GLN B 242 -25.44 18.01 7.32
CA GLN B 242 -26.15 18.34 8.56
C GLN B 242 -27.64 18.00 8.55
N THR B 243 -28.32 18.44 7.48
CA THR B 243 -29.75 18.21 7.28
C THR B 243 -30.13 16.72 7.34
N MET B 244 -29.47 15.91 6.52
CA MET B 244 -29.72 14.46 6.46
C MET B 244 -29.49 13.77 7.80
N LEU B 245 -28.59 14.32 8.60
CA LEU B 245 -28.27 13.74 9.89
C LEU B 245 -29.41 13.98 10.89
N ALA B 246 -30.02 15.16 10.81
CA ALA B 246 -31.19 15.46 11.63
C ALA B 246 -32.34 14.53 11.25
N SER B 247 -32.56 14.37 9.95
CA SER B 247 -33.66 13.57 9.43
C SER B 247 -33.56 12.09 9.83
N LEU B 248 -32.36 11.52 9.76
CA LEU B 248 -32.18 10.11 10.10
C LEU B 248 -32.34 9.87 11.60
N LEU B 249 -31.83 10.79 12.41
CA LEU B 249 -31.89 10.64 13.87
C LEU B 249 -33.31 10.86 14.37
N GLU B 250 -34.07 11.69 13.66
CA GLU B 250 -35.46 11.97 14.02
C GLU B 250 -36.36 10.74 13.83
N GLU B 251 -35.93 9.81 12.99
CA GLU B 251 -36.70 8.60 12.75
C GLU B 251 -36.18 7.41 13.56
N THR B 252 -35.45 7.72 14.64
CA THR B 252 -35.09 6.76 15.69
C THR B 252 -34.23 7.43 16.75
N CYS B 255 -30.17 4.12 15.56
CA CYS B 255 -29.07 4.04 14.58
C CYS B 255 -28.65 2.62 14.30
N PRO B 256 -28.82 2.16 13.05
CA PRO B 256 -28.59 0.78 12.62
C PRO B 256 -27.21 0.26 13.02
N GLU B 257 -27.16 -0.96 13.55
CA GLU B 257 -25.91 -1.56 13.99
C GLU B 257 -24.94 -1.63 12.82
N SER B 258 -25.48 -1.96 11.65
CA SER B 258 -24.73 -2.07 10.40
C SER B 258 -23.85 -0.85 10.12
N ILE B 259 -24.37 0.34 10.37
CA ILE B 259 -23.60 1.56 10.15
C ILE B 259 -22.48 1.72 11.19
N ARG B 260 -21.29 2.02 10.68
CA ARG B 260 -20.08 2.13 11.48
C ARG B 260 -19.47 3.54 11.42
N CYS B 261 -19.76 4.25 10.34
N CYS B 261 -19.74 4.25 10.32
CA CYS B 261 -19.22 5.59 10.14
CA CYS B 261 -19.19 5.58 10.12
C CYS B 261 -20.18 6.48 9.37
C CYS B 261 -20.15 6.49 9.35
N ILE B 262 -20.42 7.66 9.91
CA ILE B 262 -21.23 8.66 9.24
C ILE B 262 -20.34 9.86 9.01
N LEU B 263 -20.05 10.14 7.75
CA LEU B 263 -19.13 11.23 7.43
C LEU B 263 -19.90 12.52 7.17
N LEU B 264 -19.75 13.47 8.10
CA LEU B 264 -20.50 14.72 8.07
C LEU B 264 -19.70 15.83 7.41
N GLY B 265 -20.35 16.58 6.52
CA GLY B 265 -19.69 17.65 5.79
C GLY B 265 -20.47 18.95 5.74
N GLY B 266 -19.76 20.08 5.77
CA GLY B 266 -20.36 21.39 5.87
C GLY B 266 -20.03 22.02 7.22
N GLY B 267 -20.79 23.03 7.64
CA GLY B 267 -20.56 23.67 8.92
C GLY B 267 -20.48 22.72 10.11
N PRO B 268 -20.06 23.25 11.27
CA PRO B 268 -19.90 22.42 12.49
C PRO B 268 -21.24 21.95 13.07
N PRO B 270 -23.60 21.66 15.88
CA PRO B 270 -24.77 22.00 16.72
C PRO B 270 -24.79 21.20 18.01
N LEU B 271 -24.40 21.84 19.11
CA LEU B 271 -24.37 21.22 20.42
C LEU B 271 -25.64 20.43 20.76
N PRO B 272 -26.82 20.93 20.35
CA PRO B 272 -27.98 20.04 20.46
C PRO B 272 -27.81 18.73 19.70
N LEU B 273 -27.45 18.84 18.43
CA LEU B 273 -27.48 17.73 17.49
C LEU B 273 -26.64 16.52 17.92
N LEU B 274 -25.37 16.76 18.23
CA LEU B 274 -24.41 15.68 18.40
C LEU B 274 -24.72 14.72 19.54
N GLU B 275 -25.32 15.18 20.64
CA GLU B 275 -25.45 14.27 21.77
C GLU B 275 -26.55 13.24 21.50
N GLU B 276 -27.60 13.67 20.79
CA GLU B 276 -28.64 12.74 20.39
C GLU B 276 -28.03 11.63 19.54
N CYS B 277 -27.03 12.00 18.74
CA CYS B 277 -26.26 11.02 17.97
C CYS B 277 -25.52 10.07 18.91
N ARG B 278 -24.79 10.62 19.86
CA ARG B 278 -24.10 9.79 20.84
C ARG B 278 -25.09 8.89 21.56
N GLU B 279 -26.17 9.48 22.04
CA GLU B 279 -27.18 8.76 22.80
C GLU B 279 -27.85 7.65 21.98
N LYS B 280 -28.39 8.01 20.82
CA LYS B 280 -29.10 7.06 19.97
C LYS B 280 -28.12 6.10 19.28
N GLY B 281 -26.83 6.40 19.39
CA GLY B 281 -25.79 5.49 18.95
C GLY B 281 -25.26 5.73 17.55
N PHE B 282 -25.08 7.01 17.20
CA PHE B 282 -24.60 7.39 15.87
C PHE B 282 -23.11 7.72 15.86
N PRO B 283 -22.32 6.95 15.12
CA PRO B 283 -20.91 7.24 14.98
C PRO B 283 -20.67 8.32 13.91
N VAL B 284 -20.79 9.58 14.31
CA VAL B 284 -20.69 10.70 13.37
C VAL B 284 -19.29 11.31 13.33
N PHE B 285 -18.69 11.31 12.14
CA PHE B 285 -17.40 11.93 11.96
C PHE B 285 -17.54 13.32 11.36
N GLN B 286 -17.23 14.33 12.15
CA GLN B 286 -17.25 15.71 11.66
C GLN B 286 -15.98 15.91 10.84
N SER B 287 -16.02 16.81 9.86
CA SER B 287 -14.88 16.99 8.97
C SER B 287 -14.80 18.36 8.32
N TYR B 288 -13.62 18.65 7.79
CA TYR B 288 -13.35 19.87 7.05
C TYR B 288 -12.68 19.50 5.74
N GLY B 289 -13.32 19.88 4.64
CA GLY B 289 -12.78 19.66 3.33
C GLY B 289 -13.26 20.73 2.36
N MET B 290 -12.68 20.73 1.18
CA MET B 290 -13.11 21.64 0.14
C MET B 290 -12.88 20.97 -1.19
N THR B 291 -13.40 21.55 -2.27
CA THR B 291 -13.19 20.99 -3.59
C THR B 291 -11.69 20.89 -3.86
N GLU B 292 -10.96 21.89 -3.41
CA GLU B 292 -9.51 21.96 -3.54
C GLU B 292 -8.75 20.79 -2.89
N THR B 293 -9.34 20.17 -1.90
CA THR B 293 -8.66 19.07 -1.24
C THR B 293 -9.32 17.72 -1.59
N CYS B 294 -10.02 17.69 -2.72
CA CYS B 294 -10.59 16.48 -3.27
C CYS B 294 -11.31 15.57 -2.28
N SER B 295 -12.00 16.20 -1.31
CA SER B 295 -12.74 15.57 -0.21
C SER B 295 -12.21 16.13 1.13
N GLN B 296 -12.43 15.41 2.23
CA GLN B 296 -11.96 15.85 3.53
C GLN B 296 -10.44 15.81 3.64
N ILE B 297 -9.91 16.70 4.49
CA ILE B 297 -8.48 16.78 4.75
C ILE B 297 -8.29 16.80 6.26
N VAL B 298 -9.39 16.96 6.99
CA VAL B 298 -9.38 16.99 8.45
C VAL B 298 -10.64 16.29 8.97
N THR B 299 -10.50 15.44 9.99
CA THR B 299 -11.67 14.76 10.55
C THR B 299 -11.62 14.71 12.07
N LEU B 300 -12.81 14.68 12.66
CA LEU B 300 -12.92 14.57 14.10
C LEU B 300 -13.67 13.30 14.43
N SER B 301 -13.02 12.40 15.17
CA SER B 301 -13.59 11.12 15.54
C SER B 301 -14.72 11.33 16.55
N PRO B 302 -15.70 10.41 16.57
CA PRO B 302 -16.81 10.46 17.53
C PRO B 302 -16.34 10.55 18.98
N GLU B 303 -15.18 9.97 19.26
CA GLU B 303 -14.60 9.94 20.60
C GLU B 303 -14.34 11.35 21.15
N PHE B 304 -14.57 12.37 20.33
CA PHE B 304 -14.16 13.73 20.65
C PHE B 304 -15.23 14.80 20.42
N SER B 305 -16.41 14.40 19.96
CA SER B 305 -17.48 15.35 19.67
C SER B 305 -17.73 16.27 20.86
N MET B 306 -17.92 15.68 22.03
CA MET B 306 -17.81 16.39 23.29
C MET B 306 -16.54 15.87 24.00
N GLU B 307 -15.64 16.78 24.35
CA GLU B 307 -15.84 18.20 24.05
C GLU B 307 -14.64 18.80 23.33
N LYS B 308 -14.64 18.67 22.01
CA LYS B 308 -13.83 19.51 21.14
C LYS B 308 -14.80 20.29 20.27
N LEU B 309 -15.91 20.70 20.88
CA LEU B 309 -17.01 21.36 20.17
C LEU B 309 -16.52 22.48 19.26
N GLY B 310 -17.02 22.51 18.04
CA GLY B 310 -16.64 23.52 17.08
C GLY B 310 -15.36 23.19 16.34
N SER B 311 -14.83 21.99 16.57
CA SER B 311 -13.59 21.59 15.92
C SER B 311 -13.83 20.70 14.70
N ALA B 312 -13.03 20.93 13.67
CA ALA B 312 -13.04 20.09 12.48
C ALA B 312 -12.29 18.78 12.72
N GLY B 313 -11.34 18.81 13.66
CA GLY B 313 -10.63 17.61 14.05
C GLY B 313 -9.15 17.72 13.79
N LYS B 314 -8.56 16.68 13.21
CA LYS B 314 -7.12 16.70 12.95
C LYS B 314 -6.80 16.31 11.50
N PRO B 315 -5.61 16.68 10.99
CA PRO B 315 -5.29 16.37 9.60
C PRO B 315 -5.23 14.87 9.32
N LEU B 316 -5.70 14.44 8.16
CA LEU B 316 -5.50 13.07 7.71
C LEU B 316 -4.01 12.83 7.58
N PHE B 317 -3.60 11.57 7.65
CA PHE B 317 -2.21 11.24 7.47
C PHE B 317 -1.76 11.75 6.09
N SER B 318 -0.50 12.14 6.01
CA SER B 318 0.11 12.74 4.81
C SER B 318 -0.28 14.20 4.67
N CYS B 319 -1.27 14.64 5.44
CA CYS B 319 -1.82 15.98 5.22
C CYS B 319 -1.45 16.94 6.30
N GLU B 320 -1.51 18.23 5.96
CA GLU B 320 -1.01 19.28 6.85
C GLU B 320 -1.92 20.49 6.97
N ILE B 321 -1.88 21.07 8.16
CA ILE B 321 -2.74 22.18 8.56
C ILE B 321 -1.91 23.21 9.35
N LYS B 322 -1.89 24.45 8.88
CA LYS B 322 -1.32 25.52 9.69
C LYS B 322 -2.24 26.73 9.64
N ILE B 323 -1.95 27.72 10.49
CA ILE B 323 -2.80 28.88 10.62
C ILE B 323 -1.97 30.14 10.69
N GLU B 324 -2.21 31.03 9.75
CA GLU B 324 -1.30 32.12 9.47
C GLU B 324 -1.99 33.49 9.56
N ARG B 325 -1.27 34.47 10.09
CA ARG B 325 -1.71 35.87 10.09
C ARG B 325 -0.51 36.74 9.75
N ASP B 326 -0.75 37.86 9.09
CA ASP B 326 0.32 38.58 8.41
C ASP B 326 1.00 37.53 7.52
N GLY B 327 2.32 37.42 7.63
CA GLY B 327 3.04 36.42 6.86
C GLY B 327 3.74 35.43 7.76
N GLN B 328 3.26 35.34 9.00
CA GLN B 328 3.91 34.52 10.01
C GLN B 328 2.94 33.53 10.63
N VAL B 329 3.50 32.51 11.28
CA VAL B 329 2.72 31.47 11.94
C VAL B 329 2.05 31.99 13.19
N CYS B 330 0.74 31.73 13.32
CA CYS B 330 0.04 32.07 14.55
C CYS B 330 0.39 31.07 15.63
N GLU B 331 0.03 31.42 16.87
CA GLU B 331 0.22 30.52 18.01
C GLU B 331 -1.16 30.01 18.38
N PRO B 332 -1.28 28.96 19.15
CA PRO B 332 -2.61 28.62 19.65
C PRO B 332 -2.91 29.69 20.66
N TYR B 333 -4.12 30.17 20.77
CA TYR B 333 -5.23 29.82 19.93
C TYR B 333 -5.45 30.99 18.99
N GLU B 334 -4.42 31.79 18.75
CA GLU B 334 -4.59 33.02 18.00
C GLU B 334 -5.10 32.79 16.59
N HIS B 335 -6.16 33.50 16.24
CA HIS B 335 -6.84 33.41 14.96
C HIS B 335 -5.94 33.81 13.78
N GLY B 336 -6.19 33.23 12.62
CA GLY B 336 -5.46 33.52 11.40
C GLY B 336 -6.13 32.81 10.24
N GLU B 337 -5.53 32.85 9.05
CA GLU B 337 -6.09 32.10 7.91
C GLU B 337 -5.59 30.65 7.87
N ILE B 338 -6.54 29.72 7.77
CA ILE B 338 -6.22 28.30 7.64
C ILE B 338 -5.52 28.02 6.30
N MET B 339 -4.47 27.20 6.35
CA MET B 339 -3.75 26.85 5.14
C MET B 339 -3.54 25.34 5.13
N VAL B 340 -3.96 24.69 4.05
CA VAL B 340 -3.82 23.24 3.93
C VAL B 340 -2.69 22.87 3.01
N LYS B 341 -2.25 21.62 3.13
CA LYS B 341 -1.14 21.10 2.35
C LYS B 341 -1.17 19.57 2.39
N GLY B 342 -0.80 18.96 1.27
CA GLY B 342 -0.84 17.51 1.16
C GLY B 342 -1.02 17.05 -0.26
N PRO B 343 -0.72 15.77 -0.51
CA PRO B 343 -0.82 15.15 -1.84
C PRO B 343 -2.26 15.08 -2.39
N ASN B 344 -3.27 15.27 -1.53
CA ASN B 344 -4.66 15.29 -2.00
C ASN B 344 -5.10 16.70 -2.40
N VAL B 345 -4.23 17.68 -2.21
CA VAL B 345 -4.56 19.07 -2.47
C VAL B 345 -4.31 19.45 -3.93
N MET B 346 -5.31 20.08 -4.53
CA MET B 346 -5.29 20.49 -5.93
C MET B 346 -3.99 21.24 -6.31
N LYS B 347 -3.46 20.97 -7.50
CA LYS B 347 -2.24 21.62 -7.98
C LYS B 347 -2.46 23.09 -8.28
N SER B 348 -3.39 23.36 -9.18
CA SER B 348 -3.68 24.72 -9.62
C SER B 348 -5.07 24.78 -10.20
N TYR B 349 -5.68 25.96 -10.06
CA TYR B 349 -6.94 26.29 -10.71
C TYR B 349 -6.76 26.34 -12.21
N PHE B 350 -7.79 25.97 -12.96
CA PHE B 350 -7.72 26.00 -14.42
C PHE B 350 -7.82 27.43 -14.94
N ASN B 351 -6.78 27.86 -15.64
CA ASN B 351 -6.69 29.17 -16.28
C ASN B 351 -7.03 30.30 -15.32
N ARG B 352 -6.31 30.35 -14.22
CA ARG B 352 -6.42 31.45 -13.29
C ARG B 352 -5.04 31.76 -12.75
N GLU B 353 -4.19 32.32 -13.60
CA GLU B 353 -2.82 32.70 -13.23
C GLU B 353 -2.80 33.56 -11.97
N SER B 354 -3.65 34.59 -11.91
CA SER B 354 -3.67 35.51 -10.76
C SER B 354 -4.05 34.79 -9.47
N ALA B 355 -5.13 34.03 -9.51
CA ALA B 355 -5.60 33.30 -8.31
C ALA B 355 -4.62 32.19 -7.88
N ASN B 356 -3.91 31.63 -8.84
CA ASN B 356 -2.91 30.63 -8.50
C ASN B 356 -1.75 31.20 -7.70
N GLU B 357 -1.21 32.35 -8.12
CA GLU B 357 -0.17 32.97 -7.30
C GLU B 357 -0.74 33.56 -6.02
N ALA B 358 -1.93 34.13 -6.13
CA ALA B 358 -2.63 34.59 -4.93
C ALA B 358 -2.80 33.49 -3.87
N SER B 359 -3.12 32.27 -4.30
CA SER B 359 -3.55 31.23 -3.37
C SER B 359 -2.44 30.31 -2.85
N PHE B 360 -1.31 30.25 -3.56
CA PHE B 360 -0.20 29.39 -3.18
C PHE B 360 1.04 30.13 -2.68
N GLN B 361 1.31 30.00 -1.39
CA GLN B 361 2.61 30.38 -0.82
C GLN B 361 3.38 29.12 -0.47
N ASN B 362 4.35 28.76 -1.30
CA ASN B 362 5.26 27.64 -1.07
C ASN B 362 4.59 26.33 -0.70
N GLY B 363 3.92 25.71 -1.66
CA GLY B 363 3.32 24.41 -1.44
C GLY B 363 2.09 24.42 -0.58
N TRP B 364 1.74 25.56 0.00
CA TRP B 364 0.54 25.64 0.84
C TRP B 364 -0.58 26.33 0.10
N LEU B 365 -1.82 25.94 0.39
CA LEU B 365 -2.98 26.58 -0.21
C LEU B 365 -3.67 27.48 0.82
N LYS B 366 -3.83 28.75 0.49
CA LYS B 366 -4.56 29.67 1.35
C LYS B 366 -6.03 29.30 1.22
N THR B 367 -6.67 28.95 2.33
CA THR B 367 -7.96 28.30 2.25
C THR B 367 -9.11 29.34 2.15
N GLY B 368 -8.82 30.59 2.53
CA GLY B 368 -9.84 31.62 2.49
C GLY B 368 -10.79 31.53 3.66
N ASP B 369 -10.52 30.59 4.56
CA ASP B 369 -11.27 30.43 5.79
C ASP B 369 -10.40 30.84 6.96
N LEU B 370 -11.04 31.26 8.04
CA LEU B 370 -10.33 31.63 9.26
C LEU B 370 -10.59 30.58 10.33
N GLY B 371 -9.63 30.41 11.23
CA GLY B 371 -9.76 29.45 12.30
C GLY B 371 -8.59 29.50 13.26
N TYR B 372 -8.56 28.58 14.22
CA TYR B 372 -7.45 28.49 15.15
C TYR B 372 -7.20 27.03 15.51
N LEU B 373 -6.05 26.78 16.12
CA LEU B 373 -5.75 25.46 16.67
C LEU B 373 -5.65 25.56 18.18
N ASP B 374 -6.16 24.55 18.89
CA ASP B 374 -6.06 24.56 20.34
C ASP B 374 -4.69 24.05 20.79
N ASN B 375 -4.49 23.99 22.11
CA ASN B 375 -3.26 23.48 22.70
C ASN B 375 -2.92 22.09 22.15
N GLU B 376 -3.93 21.24 22.01
CA GLU B 376 -3.72 19.88 21.53
C GLU B 376 -3.75 19.79 20.00
N GLY B 377 -3.70 20.94 19.33
CA GLY B 377 -3.55 20.98 17.88
C GLY B 377 -4.77 20.63 17.03
N PHE B 378 -5.95 20.58 17.63
CA PHE B 378 -7.17 20.37 16.86
C PHE B 378 -7.56 21.64 16.11
N LEU B 379 -8.28 21.49 15.00
CA LEU B 379 -8.69 22.63 14.19
C LEU B 379 -10.08 23.14 14.54
N TYR B 380 -10.18 24.44 14.77
CA TYR B 380 -11.47 25.11 14.93
C TYR B 380 -11.65 26.10 13.80
N VAL B 381 -12.70 25.92 12.99
CA VAL B 381 -12.92 26.78 11.84
C VAL B 381 -13.99 27.83 12.13
N LEU B 382 -13.66 29.10 11.91
CA LEU B 382 -14.56 30.20 12.28
C LEU B 382 -15.46 30.64 11.14
N ASP B 383 -14.92 31.42 10.22
CA ASP B 383 -15.67 31.88 9.05
C ASP B 383 -14.68 32.34 7.97
N ARG B 384 -15.18 32.43 6.74
CA ARG B 384 -14.36 32.87 5.62
C ARG B 384 -13.88 34.29 5.87
N ARG B 385 -12.64 34.59 5.47
CA ARG B 385 -12.03 35.89 5.71
C ARG B 385 -12.73 37.00 4.94
N SER B 386 -13.42 36.63 3.86
CA SER B 386 -14.10 37.59 2.98
C SER B 386 -15.04 38.51 3.74
N ASP B 387 -16.03 37.94 4.41
CA ASP B 387 -16.96 38.72 5.22
C ASP B 387 -16.52 38.77 6.68
N LEU B 388 -16.45 39.98 7.23
CA LEU B 388 -16.02 40.15 8.62
C LEU B 388 -16.43 41.52 9.17
CL CL C . -6.96 3.18 12.02
CL CL D . 16.11 3.02 -13.17
P AMP E . 15.10 -11.66 -0.36
O1P AMP E . 15.45 -10.43 -1.04
O2P AMP E . 13.84 -11.61 0.35
O3P AMP E . 16.17 -12.29 0.39
O5' AMP E . 14.89 -12.69 -1.51
C5' AMP E . 13.81 -12.65 -2.43
C4' AMP E . 13.84 -13.89 -3.28
O4' AMP E . 13.23 -14.95 -2.59
C3' AMP E . 12.98 -13.81 -4.53
O3' AMP E . 13.72 -13.38 -5.64
C2' AMP E . 12.61 -15.22 -4.81
O2' AMP E . 13.63 -15.78 -5.58
C1' AMP E . 12.58 -15.84 -3.46
N9 AMP E . 11.16 -15.89 -3.10
C8 AMP E . 10.52 -15.02 -2.35
N7 AMP E . 9.23 -15.31 -2.21
C5 AMP E . 9.01 -16.41 -2.91
C6 AMP E . 7.88 -17.29 -3.20
N6 AMP E . 6.65 -17.09 -2.73
N1 AMP E . 8.09 -18.34 -3.96
C2 AMP E . 9.28 -18.61 -4.46
N3 AMP E . 10.34 -17.87 -4.24
C4 AMP E . 10.28 -16.78 -3.48
CL CL F . -33.49 10.03 -18.37
CL CL G . -26.83 -7.01 -1.04
P AMP H . -17.01 23.14 -1.16
O1P AMP H . -15.93 23.74 -1.98
O2P AMP H . -18.39 23.36 -1.68
O3P AMP H . -16.78 21.73 -0.77
O5' AMP H . -16.93 23.95 0.21
C5' AMP H . -15.66 24.36 0.64
C4' AMP H . -15.79 25.35 1.79
O4' AMP H . -16.79 24.93 2.68
C3' AMP H . -14.56 25.41 2.65
O3' AMP H . -13.65 26.41 2.23
C2' AMP H . -15.09 25.88 3.96
O2' AMP H . -14.88 27.28 4.05
C1' AMP H . -16.54 25.51 3.94
N9 AMP H . -16.65 24.45 4.95
C8 AMP H . -16.77 23.15 4.71
N7 AMP H . -16.83 22.45 5.87
C5 AMP H . -16.74 23.32 6.86
C6 AMP H . -16.76 23.28 8.33
N6 AMP H . -16.86 22.09 8.97
N1 AMP H . -16.65 24.43 9.00
C2 AMP H . -16.54 25.60 8.36
N3 AMP H . -16.53 25.72 7.04
C4 AMP H . -16.62 24.65 6.25
#